data_5SK7
#
_entry.id   5SK7
#
_cell.length_a   135.000
_cell.length_b   135.000
_cell.length_c   234.995
_cell.angle_alpha   90.000
_cell.angle_beta   90.000
_cell.angle_gamma   120.000
#
_symmetry.space_group_name_H-M   'H 3'
#
loop_
_entity.id
_entity.type
_entity.pdbx_description
1 polymer "cAMP and cAMP-inhibited cGMP 3',5'-cyclic phosphodiesterase 10A"
2 non-polymer 'ZINC ION'
3 non-polymer 'MAGNESIUM ION'
4 non-polymer 4-bromanyl-~{N},~{N}-dimethyl-1$l^{4},7,9-triazabicyclo[4.3.0]nona-1,3,5-trien-8-amine
5 non-polymer 'BROMIDE ION'
6 water water
#
_entity_poly.entity_id   1
_entity_poly.type   'polypeptide(L)'
_entity_poly.pdbx_seq_one_letter_code
;GSSICTSEEWQGLMQFTLPVRLCKEIELFHFDIGPFENMWPGIFVYMVHRSCGTSCFELEKL(CME)RFIMSVKKNYRRV
PYHNWKHAVTVAHCMYAILQNNHTLFTDLERKGLLIACLCHDLDHRGFSNSYLQKFDHPLAALYSTSTMEQHHFSQTVSI
LQLEGHNIFSTLSSSEYEQVLEIIRKAIIATDLALYFGNRKQLEEMYQTGSLNLNNQSHRDRVIGLMMTACDLCSVTKLW
PVTKLTANDIYAEFWAEGDEMKKLGIQPIPMMDRDKKDEVPQGQLGFYNAVAIPCYTTLTQILPPTEPLLKACRDNLSQW
EKVIRGEETATWISSPSVAQKAAASED
;
_entity_poly.pdbx_strand_id   A,B,C,D
#
loop_
_chem_comp.id
_chem_comp.type
_chem_comp.name
_chem_comp.formula
BR non-polymer 'BROMIDE ION' 'Br -1'
KCF non-polymer 4-bromanyl-~{N},~{N}-dimethyl-1$l^{4},7,9-triazabicyclo[4.3.0]nona-1,3,5-trien-8-amine 'C8 H9 Br N4'
MG non-polymer 'MAGNESIUM ION' 'Mg 2'
ZN non-polymer 'ZINC ION' 'Zn 2'
#
# COMPACT_ATOMS: atom_id res chain seq x y z
N GLY A 12 -3.97 47.54 2.21
CA GLY A 12 -5.33 48.14 2.26
C GLY A 12 -6.06 48.08 0.92
N LEU A 13 -5.33 48.16 -0.19
CA LEU A 13 -5.88 48.16 -1.58
C LEU A 13 -5.92 46.74 -2.16
N MET A 14 -5.80 45.70 -1.32
CA MET A 14 -5.68 44.27 -1.72
C MET A 14 -7.03 43.58 -1.51
N GLN A 15 -7.94 43.68 -2.49
CA GLN A 15 -9.18 42.85 -2.58
C GLN A 15 -8.83 41.38 -2.78
N PHE A 16 -9.68 40.47 -2.30
CA PHE A 16 -9.77 39.09 -2.82
C PHE A 16 -10.78 39.12 -3.96
N THR A 17 -10.48 38.44 -5.06
CA THR A 17 -11.41 38.22 -6.20
C THR A 17 -11.48 36.73 -6.46
N LEU A 18 -12.64 36.27 -6.88
CA LEU A 18 -12.90 34.85 -7.14
C LEU A 18 -13.12 34.72 -8.63
N PRO A 19 -12.95 33.51 -9.18
CA PRO A 19 -13.39 33.26 -10.55
C PRO A 19 -14.86 33.67 -10.71
N VAL A 20 -15.22 33.98 -11.94
CA VAL A 20 -16.55 34.51 -12.31
C VAL A 20 -17.65 33.59 -11.75
N ARG A 21 -17.60 32.29 -11.97
CA ARG A 21 -18.74 31.42 -11.55
C ARG A 21 -18.90 31.56 -10.04
N LEU A 22 -17.79 31.66 -9.28
CA LEU A 22 -17.87 31.72 -7.80
C LEU A 22 -18.36 33.10 -7.37
N CYS A 23 -17.79 34.14 -7.99
CA CYS A 23 -18.11 35.57 -7.77
C CYS A 23 -19.63 35.74 -7.83
N LYS A 24 -20.30 35.05 -8.76
CA LYS A 24 -21.79 35.16 -8.98
C LYS A 24 -22.53 34.21 -8.05
N GLU A 25 -22.18 32.93 -8.06
CA GLU A 25 -22.88 31.90 -7.25
C GLU A 25 -22.73 32.21 -5.73
N ILE A 26 -21.65 32.83 -5.26
CA ILE A 26 -21.41 32.97 -3.79
C ILE A 26 -22.48 33.85 -3.15
N GLU A 27 -23.17 34.66 -3.96
CA GLU A 27 -24.19 35.63 -3.50
C GLU A 27 -25.51 34.92 -3.25
N LEU A 28 -25.63 33.70 -3.77
CA LEU A 28 -26.88 32.90 -3.68
C LEU A 28 -26.84 32.03 -2.42
N PHE A 29 -27.98 31.84 -1.76
CA PHE A 29 -28.09 31.07 -0.51
C PHE A 29 -27.57 29.64 -0.77
N HIS A 30 -27.79 29.06 -1.93
CA HIS A 30 -27.55 27.61 -2.17
C HIS A 30 -26.11 27.33 -2.62
N PHE A 31 -25.24 28.34 -2.66
CA PHE A 31 -23.81 28.17 -3.01
C PHE A 31 -23.18 27.02 -2.24
N ASP A 32 -22.40 26.18 -2.93
CA ASP A 32 -21.56 25.10 -2.36
C ASP A 32 -20.11 25.60 -2.48
N ILE A 33 -19.34 25.57 -1.38
CA ILE A 33 -17.98 26.17 -1.36
C ILE A 33 -16.99 25.24 -2.10
N GLY A 34 -17.42 24.05 -2.50
CA GLY A 34 -16.60 23.19 -3.37
C GLY A 34 -15.64 22.28 -2.61
N PRO A 35 -14.96 21.37 -3.34
CA PRO A 35 -14.07 20.39 -2.74
C PRO A 35 -12.62 20.84 -2.60
N PHE A 36 -12.26 22.07 -3.01
CA PHE A 36 -10.87 22.60 -2.93
C PHE A 36 -10.65 23.34 -1.60
N GLU A 37 -10.23 22.60 -0.57
CA GLU A 37 -10.01 23.13 0.80
C GLU A 37 -9.22 24.45 0.75
N ASN A 38 -8.17 24.51 -0.06
CA ASN A 38 -7.20 25.63 -0.08
C ASN A 38 -7.90 26.92 -0.57
N MET A 39 -9.08 26.83 -1.17
CA MET A 39 -9.81 28.07 -1.54
C MET A 39 -10.76 28.53 -0.43
N TRP A 40 -11.01 27.75 0.62
CA TRP A 40 -12.05 28.13 1.60
C TRP A 40 -11.64 29.36 2.39
N PRO A 41 -10.36 29.53 2.79
CA PRO A 41 -9.94 30.75 3.50
C PRO A 41 -10.16 32.03 2.68
N GLY A 42 -9.82 32.00 1.41
CA GLY A 42 -10.00 33.14 0.51
C GLY A 42 -11.48 33.44 0.34
N ILE A 43 -12.30 32.39 0.26
CA ILE A 43 -13.77 32.55 0.19
C ILE A 43 -14.25 33.28 1.46
N PHE A 44 -13.77 32.88 2.64
CA PHE A 44 -14.21 33.51 3.92
C PHE A 44 -13.84 34.99 3.91
N VAL A 45 -12.64 35.32 3.48
CA VAL A 45 -12.12 36.72 3.52
C VAL A 45 -12.92 37.55 2.52
N TYR A 46 -13.08 37.04 1.31
CA TYR A 46 -13.92 37.69 0.29
C TYR A 46 -15.24 38.12 0.92
N MET A 47 -15.84 37.22 1.69
CA MET A 47 -17.20 37.42 2.27
C MET A 47 -17.11 38.52 3.34
N VAL A 48 -16.14 38.40 4.24
CA VAL A 48 -15.87 39.43 5.27
C VAL A 48 -15.72 40.80 4.58
N HIS A 49 -14.93 40.89 3.51
CA HIS A 49 -14.62 42.17 2.82
C HIS A 49 -15.87 42.82 2.23
N ARG A 50 -16.80 42.04 1.66
CA ARG A 50 -18.01 42.58 0.99
C ARG A 50 -19.09 42.85 2.04
N SER A 51 -19.01 42.18 3.20
CA SER A 51 -20.09 42.11 4.21
C SER A 51 -19.90 43.21 5.27
N CYS A 52 -18.70 43.74 5.34
CA CYS A 52 -18.13 44.35 6.57
C CYS A 52 -17.29 45.56 6.15
N GLY A 53 -16.39 45.32 5.19
CA GLY A 53 -15.47 46.29 4.61
C GLY A 53 -14.08 45.67 4.53
N THR A 54 -13.17 46.28 3.78
CA THR A 54 -11.76 45.83 3.64
C THR A 54 -10.96 46.20 4.90
N SER A 55 -11.59 46.97 5.81
CA SER A 55 -10.98 47.68 6.97
C SER A 55 -11.35 47.02 8.31
N CYS A 56 -12.44 46.26 8.37
CA CYS A 56 -12.97 45.58 9.60
C CYS A 56 -11.83 44.92 10.37
N PHE A 57 -10.90 44.29 9.67
CA PHE A 57 -9.86 43.39 10.23
C PHE A 57 -8.55 43.67 9.51
N GLU A 58 -7.44 43.71 10.23
CA GLU A 58 -6.07 43.69 9.66
C GLU A 58 -5.90 42.33 8.95
N LEU A 59 -5.69 42.35 7.64
CA LEU A 59 -5.58 41.13 6.80
C LEU A 59 -4.59 40.14 7.43
N GLU A 60 -3.39 40.58 7.83
CA GLU A 60 -2.33 39.73 8.44
C GLU A 60 -2.92 38.94 9.62
N LYS A 61 -3.64 39.63 10.54
CA LYS A 61 -4.22 39.04 11.78
C LYS A 61 -5.39 38.11 11.41
N LEU A 62 -6.25 38.55 10.48
CA LEU A 62 -7.41 37.75 10.03
C LEU A 62 -6.92 36.40 9.50
N CME A 63 -6.00 36.42 8.54
CA CME A 63 -5.35 35.22 7.95
CB CME A 63 -4.34 35.58 6.89
SG CME A 63 -5.01 36.23 5.32
SD CME A 63 -6.15 34.68 4.60
CE CME A 63 -5.01 33.73 3.54
CZ CME A 63 -5.60 33.48 2.19
OH CME A 63 -5.14 32.24 1.67
C CME A 63 -4.81 34.34 9.06
O CME A 63 -5.05 33.11 9.02
N ARG A 64 -4.13 34.91 10.06
CA ARG A 64 -3.53 34.08 11.13
C ARG A 64 -4.67 33.53 12.01
N PHE A 65 -5.74 34.29 12.22
CA PHE A 65 -6.92 33.81 12.98
C PHE A 65 -7.61 32.67 12.22
N ILE A 66 -7.86 32.85 10.92
CA ILE A 66 -8.51 31.81 10.07
C ILE A 66 -7.70 30.50 10.16
N MET A 67 -6.38 30.56 10.02
CA MET A 67 -5.58 29.31 9.92
C MET A 67 -5.50 28.63 11.30
N SER A 68 -5.52 29.36 12.41
CA SER A 68 -5.59 28.72 13.75
C SER A 68 -6.98 28.10 13.96
N VAL A 69 -8.03 28.79 13.52
CA VAL A 69 -9.40 28.22 13.63
C VAL A 69 -9.44 26.91 12.83
N LYS A 70 -8.97 26.94 11.57
CA LYS A 70 -8.94 25.74 10.71
C LYS A 70 -8.26 24.57 11.45
N LYS A 71 -7.07 24.82 12.00
CA LYS A 71 -6.25 23.82 12.70
C LYS A 71 -7.05 23.18 13.83
N ASN A 72 -7.94 23.91 14.49
CA ASN A 72 -8.64 23.45 15.71
C ASN A 72 -9.98 22.79 15.37
N TYR A 73 -10.38 22.71 14.10
CA TYR A 73 -11.45 21.80 13.63
C TYR A 73 -10.79 20.45 13.38
N ARG A 74 -11.47 19.36 13.70
CA ARG A 74 -10.91 17.99 13.58
C ARG A 74 -11.38 17.37 12.27
N ARG A 75 -10.79 16.21 11.95
CA ARG A 75 -11.06 15.42 10.72
C ARG A 75 -12.18 14.43 11.03
N VAL A 76 -13.36 14.97 11.27
CA VAL A 76 -14.61 14.20 11.47
C VAL A 76 -15.44 14.35 10.20
N PRO A 77 -16.39 13.43 9.95
CA PRO A 77 -17.12 13.39 8.69
C PRO A 77 -17.96 14.63 8.35
N TYR A 78 -18.47 15.34 9.38
CA TYR A 78 -19.46 16.43 9.14
C TYR A 78 -19.12 17.69 9.93
N HIS A 79 -18.85 17.59 11.25
CA HIS A 79 -18.59 18.76 12.13
C HIS A 79 -17.14 19.21 11.96
N ASN A 80 -16.80 19.64 10.75
CA ASN A 80 -15.43 19.88 10.28
C ASN A 80 -15.30 21.30 9.70
N TRP A 81 -14.10 21.60 9.21
CA TRP A 81 -13.70 22.92 8.67
C TRP A 81 -14.66 23.31 7.54
N LYS A 82 -15.03 22.38 6.66
CA LYS A 82 -15.99 22.66 5.56
C LYS A 82 -17.33 23.13 6.14
N HIS A 83 -17.80 22.51 7.22
CA HIS A 83 -19.08 22.90 7.86
C HIS A 83 -18.94 24.34 8.36
N ALA A 84 -17.84 24.65 9.02
CA ALA A 84 -17.55 26.00 9.54
C ALA A 84 -17.79 27.02 8.44
N VAL A 85 -17.23 26.77 7.26
CA VAL A 85 -17.18 27.82 6.21
C VAL A 85 -18.55 27.85 5.54
N THR A 86 -19.15 26.69 5.31
CA THR A 86 -20.52 26.57 4.78
C THR A 86 -21.46 27.41 5.65
N VAL A 87 -21.36 27.28 6.97
CA VAL A 87 -22.32 27.95 7.90
C VAL A 87 -22.06 29.46 7.85
N ALA A 88 -20.79 29.89 7.75
CA ALA A 88 -20.40 31.31 7.60
C ALA A 88 -20.92 31.87 6.27
N HIS A 89 -20.91 31.09 5.20
CA HIS A 89 -21.43 31.56 3.90
C HIS A 89 -22.93 31.87 4.01
N CYS A 90 -23.71 30.96 4.59
CA CYS A 90 -25.17 31.19 4.80
C CYS A 90 -25.37 32.51 5.57
N MET A 91 -24.60 32.77 6.65
CA MET A 91 -24.76 34.03 7.42
C MET A 91 -24.48 35.20 6.47
N TYR A 92 -23.53 35.02 5.54
CA TYR A 92 -23.06 36.07 4.60
C TYR A 92 -24.24 36.41 3.69
N ALA A 93 -24.85 35.39 3.12
CA ALA A 93 -26.05 35.51 2.26
C ALA A 93 -27.17 36.21 3.05
N ILE A 94 -27.40 35.86 4.31
CA ILE A 94 -28.50 36.52 5.09
C ILE A 94 -28.15 38.00 5.27
N LEU A 95 -26.92 38.31 5.67
CA LEU A 95 -26.53 39.72 5.94
C LEU A 95 -26.58 40.55 4.66
N GLN A 96 -26.24 40.00 3.51
CA GLN A 96 -26.16 40.76 2.25
C GLN A 96 -27.57 41.07 1.73
N ASN A 97 -28.53 40.18 1.96
CA ASN A 97 -29.95 40.31 1.52
C ASN A 97 -30.76 41.11 2.54
N ASN A 98 -30.13 41.57 3.63
CA ASN A 98 -30.73 42.37 4.74
C ASN A 98 -29.76 43.46 5.15
N HIS A 99 -29.20 44.18 4.18
CA HIS A 99 -28.10 45.18 4.29
C HIS A 99 -28.28 46.07 5.53
N THR A 100 -29.42 46.75 5.67
CA THR A 100 -29.57 47.87 6.63
C THR A 100 -30.02 47.41 8.02
N LEU A 101 -30.36 46.13 8.24
CA LEU A 101 -30.96 45.66 9.51
C LEU A 101 -29.88 45.37 10.56
N PHE A 102 -28.59 45.43 10.23
CA PHE A 102 -27.54 44.93 11.16
C PHE A 102 -26.44 45.97 11.31
N THR A 103 -25.99 46.14 12.54
CA THR A 103 -24.94 47.13 12.94
C THR A 103 -23.59 46.68 12.38
N ASP A 104 -22.59 47.56 12.46
CA ASP A 104 -21.20 47.28 12.03
C ASP A 104 -20.69 46.07 12.83
N LEU A 105 -20.84 46.11 14.16
CA LEU A 105 -20.33 45.10 15.13
C LEU A 105 -20.97 43.73 14.86
N GLU A 106 -22.24 43.71 14.48
CA GLU A 106 -23.00 42.44 14.30
C GLU A 106 -22.46 41.71 13.08
N ARG A 107 -22.16 42.45 12.01
CA ARG A 107 -21.66 41.90 10.73
C ARG A 107 -20.29 41.28 10.98
N LYS A 108 -19.38 42.01 11.64
CA LYS A 108 -18.06 41.56 12.15
C LYS A 108 -18.22 40.27 12.97
N GLY A 109 -19.01 40.35 14.04
CA GLY A 109 -19.13 39.30 15.07
C GLY A 109 -19.76 38.04 14.54
N LEU A 110 -20.81 38.14 13.71
CA LEU A 110 -21.60 36.95 13.30
C LEU A 110 -20.83 36.07 12.30
N LEU A 111 -20.02 36.62 11.41
CA LEU A 111 -19.29 35.75 10.44
C LEU A 111 -18.21 35.00 11.22
N ILE A 112 -17.63 35.66 12.21
CA ILE A 112 -16.59 35.06 13.09
C ILE A 112 -17.30 34.02 13.98
N ALA A 113 -18.47 34.33 14.51
CA ALA A 113 -19.25 33.36 15.31
C ALA A 113 -19.46 32.07 14.49
N CYS A 114 -19.84 32.21 13.24
CA CYS A 114 -20.23 31.07 12.40
C CYS A 114 -18.99 30.22 12.10
N LEU A 115 -17.87 30.87 11.79
CA LEU A 115 -16.60 30.17 11.47
C LEU A 115 -16.15 29.39 12.72
N CYS A 116 -16.44 29.91 13.91
CA CYS A 116 -15.95 29.33 15.19
C CYS A 116 -16.95 28.40 15.85
N HIS A 117 -18.19 28.26 15.33
CA HIS A 117 -19.33 27.78 16.16
C HIS A 117 -19.12 26.33 16.57
N ASP A 118 -18.37 25.53 15.83
CA ASP A 118 -18.19 24.07 16.10
C ASP A 118 -16.73 23.74 16.36
N LEU A 119 -15.91 24.72 16.73
CA LEU A 119 -14.46 24.54 17.07
C LEU A 119 -14.22 23.30 17.95
N ASP A 120 -13.32 22.43 17.52
CA ASP A 120 -12.83 21.25 18.28
C ASP A 120 -13.97 20.28 18.56
N HIS A 121 -14.98 20.23 17.71
CA HIS A 121 -16.05 19.20 17.77
C HIS A 121 -15.46 17.83 17.50
N ARG A 122 -15.92 16.80 18.19
CA ARG A 122 -15.35 15.43 18.07
C ARG A 122 -16.37 14.52 17.37
N GLY A 123 -17.49 15.06 16.90
CA GLY A 123 -18.54 14.31 16.20
C GLY A 123 -19.55 13.69 17.15
N PHE A 124 -19.57 14.07 18.42
CA PHE A 124 -20.53 13.49 19.40
C PHE A 124 -21.46 14.58 19.96
N SER A 125 -22.69 14.18 20.27
CA SER A 125 -23.73 15.06 20.85
C SER A 125 -23.40 15.36 22.32
N ASN A 126 -24.06 16.39 22.86
CA ASN A 126 -24.06 16.76 24.30
C ASN A 126 -24.52 15.53 25.11
N SER A 127 -25.52 14.79 24.62
CA SER A 127 -26.07 13.57 25.29
C SER A 127 -24.95 12.56 25.48
N TYR A 128 -24.18 12.28 24.42
CA TYR A 128 -23.10 11.25 24.46
C TYR A 128 -22.02 11.65 25.49
N LEU A 129 -21.66 12.94 25.57
CA LEU A 129 -20.69 13.43 26.57
C LEU A 129 -21.21 13.09 27.96
N GLN A 130 -22.52 13.30 28.20
CA GLN A 130 -23.13 13.20 29.55
C GLN A 130 -23.21 11.72 29.92
N LYS A 131 -23.59 10.86 29.01
CA LYS A 131 -23.62 9.41 29.28
C LYS A 131 -22.19 8.87 29.42
N PHE A 132 -21.23 9.42 28.69
CA PHE A 132 -19.81 8.99 28.78
C PHE A 132 -19.22 9.46 30.11
N ASP A 133 -19.72 10.59 30.62
CA ASP A 133 -19.19 11.32 31.80
C ASP A 133 -17.89 11.99 31.35
N HIS A 134 -17.91 12.64 30.18
CA HIS A 134 -16.74 13.37 29.65
C HIS A 134 -16.51 14.54 30.58
N PRO A 135 -15.24 14.92 30.89
CA PRO A 135 -14.97 16.07 31.73
C PRO A 135 -15.73 17.34 31.33
N LEU A 136 -15.89 17.61 30.03
CA LEU A 136 -16.57 18.84 29.55
C LEU A 136 -18.02 18.87 30.07
N ALA A 137 -18.60 17.71 30.39
CA ALA A 137 -19.99 17.60 30.92
C ALA A 137 -20.06 18.01 32.39
N ALA A 138 -18.97 17.94 33.15
CA ALA A 138 -18.86 18.43 34.54
C ALA A 138 -18.60 19.94 34.53
N LEU A 139 -17.76 20.41 33.61
CA LEU A 139 -17.42 21.84 33.47
C LEU A 139 -18.65 22.65 33.01
N TYR A 140 -19.50 22.11 32.14
CA TYR A 140 -20.68 22.81 31.55
C TYR A 140 -21.88 21.85 31.47
N SER A 141 -22.89 22.01 32.33
CA SER A 141 -24.01 21.06 32.49
C SER A 141 -25.01 21.20 31.33
N THR A 142 -25.15 22.41 30.76
CA THR A 142 -25.99 22.59 29.54
C THR A 142 -25.19 23.25 28.41
N SER A 143 -25.64 22.98 27.19
CA SER A 143 -25.00 23.47 25.95
C SER A 143 -23.50 23.16 26.02
N THR A 144 -23.18 21.89 26.33
CA THR A 144 -21.83 21.45 26.74
C THR A 144 -20.85 21.82 25.62
N MET A 145 -21.05 21.30 24.41
CA MET A 145 -20.08 21.50 23.31
C MET A 145 -20.09 22.97 22.96
N GLU A 146 -21.23 23.63 23.05
CA GLU A 146 -21.36 25.02 22.57
C GLU A 146 -20.55 25.93 23.51
N GLN A 147 -20.52 25.64 24.81
CA GLN A 147 -19.71 26.42 25.77
C GLN A 147 -18.22 26.17 25.46
N HIS A 148 -17.86 24.94 25.12
CA HIS A 148 -16.48 24.57 24.71
C HIS A 148 -16.08 25.34 23.45
N HIS A 149 -16.95 25.38 22.44
CA HIS A 149 -16.72 26.12 21.16
C HIS A 149 -16.46 27.60 21.45
N PHE A 150 -17.26 28.22 22.30
CA PHE A 150 -17.02 29.64 22.66
C PHE A 150 -15.65 29.80 23.36
N SER A 151 -15.34 28.87 24.27
CA SER A 151 -14.09 28.81 25.07
C SER A 151 -12.89 28.76 24.11
N GLN A 152 -12.91 27.83 23.15
CA GLN A 152 -11.86 27.71 22.11
C GLN A 152 -11.77 29.00 21.28
N THR A 153 -12.88 29.65 20.97
CA THR A 153 -12.86 30.92 20.19
C THR A 153 -12.04 31.97 20.96
N VAL A 154 -12.35 32.15 22.24
CA VAL A 154 -11.65 33.13 23.11
C VAL A 154 -10.15 32.76 23.19
N SER A 155 -9.83 31.48 23.41
CA SER A 155 -8.43 30.96 23.44
C SER A 155 -7.66 31.42 22.20
N ILE A 156 -8.23 31.27 21.02
CA ILE A 156 -7.55 31.56 19.72
C ILE A 156 -7.42 33.09 19.60
N LEU A 157 -8.45 33.83 19.98
CA LEU A 157 -8.44 35.32 19.95
C LEU A 157 -7.31 35.90 20.80
N GLN A 158 -6.81 35.15 21.78
CA GLN A 158 -5.81 35.62 22.78
C GLN A 158 -4.42 35.10 22.44
N LEU A 159 -4.28 34.26 21.42
CA LEU A 159 -2.94 33.91 20.88
C LEU A 159 -2.28 35.22 20.40
N GLU A 160 -0.97 35.38 20.58
CA GLU A 160 -0.26 36.58 20.09
C GLU A 160 -0.50 36.67 18.58
N GLY A 161 -0.86 37.85 18.07
CA GLY A 161 -1.00 38.17 16.64
C GLY A 161 -2.39 37.89 16.08
N HIS A 162 -3.28 37.31 16.91
CA HIS A 162 -4.59 36.72 16.51
C HIS A 162 -5.77 37.62 16.93
N ASN A 163 -5.54 38.75 17.57
CA ASN A 163 -6.70 39.56 18.06
C ASN A 163 -7.18 40.48 16.94
N ILE A 164 -8.12 39.98 16.16
CA ILE A 164 -8.67 40.63 14.95
C ILE A 164 -9.54 41.81 15.36
N PHE A 165 -9.83 41.95 16.67
CA PHE A 165 -10.73 42.97 17.23
C PHE A 165 -9.94 44.06 17.96
N SER A 166 -8.61 43.93 18.02
CA SER A 166 -7.68 44.82 18.78
C SER A 166 -8.05 46.30 18.61
N THR A 167 -8.53 46.73 17.44
CA THR A 167 -8.80 48.15 17.08
C THR A 167 -10.21 48.59 17.49
N LEU A 168 -11.00 47.72 18.12
CA LEU A 168 -12.27 48.12 18.78
C LEU A 168 -11.93 48.84 20.08
N SER A 169 -12.83 49.72 20.55
CA SER A 169 -12.84 50.29 21.91
C SER A 169 -13.09 49.16 22.91
N SER A 170 -12.78 49.39 24.17
CA SER A 170 -12.94 48.41 25.27
C SER A 170 -14.39 47.89 25.30
N SER A 171 -15.38 48.77 25.07
CA SER A 171 -16.82 48.44 25.24
C SER A 171 -17.37 47.80 23.96
N GLU A 172 -16.87 48.21 22.79
CA GLU A 172 -17.19 47.55 21.50
C GLU A 172 -16.65 46.11 21.52
N TYR A 173 -15.45 45.92 22.06
CA TYR A 173 -14.81 44.60 22.23
C TYR A 173 -15.74 43.70 23.04
N GLU A 174 -16.23 44.20 24.18
CA GLU A 174 -17.07 43.43 25.11
C GLU A 174 -18.41 43.05 24.44
N GLN A 175 -19.01 43.99 23.71
CA GLN A 175 -20.25 43.77 22.91
C GLN A 175 -20.03 42.68 21.84
N VAL A 176 -18.96 42.74 21.07
CA VAL A 176 -18.73 41.74 19.97
C VAL A 176 -18.53 40.35 20.60
N LEU A 177 -17.81 40.21 21.73
CA LEU A 177 -17.57 38.86 22.34
C LEU A 177 -18.89 38.36 22.91
N GLU A 178 -19.77 39.28 23.35
CA GLU A 178 -21.13 38.95 23.85
C GLU A 178 -22.05 38.51 22.68
N ILE A 179 -22.02 39.21 21.53
CA ILE A 179 -22.70 38.76 20.30
C ILE A 179 -22.22 37.35 19.94
N ILE A 180 -20.91 37.10 19.98
CA ILE A 180 -20.35 35.78 19.54
C ILE A 180 -20.78 34.69 20.51
N ARG A 181 -20.71 34.94 21.82
CA ARG A 181 -21.10 33.96 22.86
C ARG A 181 -22.57 33.56 22.68
N LYS A 182 -23.48 34.53 22.60
CA LYS A 182 -24.93 34.19 22.44
C LYS A 182 -25.11 33.47 21.12
N ALA A 183 -24.43 33.91 20.05
CA ALA A 183 -24.56 33.32 18.70
C ALA A 183 -24.15 31.85 18.75
N ILE A 184 -23.05 31.54 19.43
CA ILE A 184 -22.55 30.15 19.49
C ILE A 184 -23.43 29.30 20.40
N ILE A 185 -23.81 29.80 21.58
CA ILE A 185 -24.74 29.07 22.50
C ILE A 185 -26.03 28.70 21.74
N ALA A 186 -26.59 29.62 20.93
CA ALA A 186 -27.84 29.40 20.18
C ALA A 186 -27.74 28.22 19.20
N THR A 187 -26.55 27.84 18.76
CA THR A 187 -26.39 26.67 17.84
C THR A 187 -26.69 25.38 18.60
N ASP A 188 -26.99 25.45 19.89
CA ASP A 188 -27.46 24.27 20.66
C ASP A 188 -28.91 24.03 20.28
N LEU A 189 -29.17 23.05 19.44
CA LEU A 189 -30.55 22.81 18.92
C LEU A 189 -31.56 22.63 20.08
N ALA A 190 -31.16 22.21 21.29
CA ALA A 190 -32.11 22.02 22.41
C ALA A 190 -32.72 23.38 22.75
N LEU A 191 -31.99 24.48 22.53
CA LEU A 191 -32.46 25.86 22.81
C LEU A 191 -33.28 26.44 21.66
N TYR A 192 -33.19 25.87 20.45
CA TYR A 192 -33.85 26.39 19.22
C TYR A 192 -35.38 26.41 19.40
N PHE A 193 -35.96 25.30 19.89
CA PHE A 193 -37.43 25.06 19.92
C PHE A 193 -38.13 26.20 20.65
N GLY A 194 -37.79 26.41 21.91
CA GLY A 194 -38.32 27.50 22.73
C GLY A 194 -38.00 28.85 22.11
N ASN A 195 -36.84 29.02 21.50
CA ASN A 195 -36.44 30.34 20.97
C ASN A 195 -37.36 30.70 19.79
N ARG A 196 -37.62 29.76 18.91
CA ARG A 196 -38.54 29.98 17.77
C ARG A 196 -39.97 30.11 18.26
N LYS A 197 -40.42 29.36 19.28
CA LYS A 197 -41.81 29.46 19.80
C LYS A 197 -42.05 30.91 20.20
N GLN A 198 -41.14 31.48 20.96
CA GLN A 198 -41.22 32.87 21.44
C GLN A 198 -41.21 33.85 20.26
N LEU A 199 -40.30 33.69 19.30
CA LEU A 199 -40.25 34.59 18.13
C LEU A 199 -41.58 34.47 17.37
N GLU A 200 -42.16 33.27 17.32
CA GLU A 200 -43.45 33.02 16.60
C GLU A 200 -44.52 33.88 17.29
N GLU A 201 -44.70 33.75 18.61
CA GLU A 201 -45.69 34.55 19.40
C GLU A 201 -45.42 36.03 19.16
N MET A 202 -44.18 36.49 19.37
CA MET A 202 -43.80 37.93 19.26
C MET A 202 -44.17 38.45 17.86
N TYR A 203 -44.01 37.64 16.83
CA TYR A 203 -44.28 38.08 15.43
C TYR A 203 -45.79 38.26 15.23
N GLN A 204 -46.60 37.30 15.73
CA GLN A 204 -48.06 37.17 15.48
C GLN A 204 -48.84 38.17 16.34
N THR A 205 -48.50 38.33 17.61
CA THR A 205 -49.10 39.37 18.51
C THR A 205 -48.59 40.76 18.13
N GLY A 206 -47.55 40.88 17.29
CA GLY A 206 -47.05 42.18 16.78
C GLY A 206 -46.09 42.87 17.73
N SER A 207 -45.68 42.21 18.82
CA SER A 207 -44.74 42.74 19.85
C SER A 207 -43.26 42.67 19.42
N LEU A 208 -42.91 42.00 18.32
CA LEU A 208 -41.49 41.90 17.87
C LEU A 208 -40.98 43.31 17.56
N ASN A 209 -39.91 43.72 18.24
CA ASN A 209 -39.28 45.07 18.13
C ASN A 209 -37.76 44.88 18.02
N LEU A 210 -37.16 45.19 16.87
CA LEU A 210 -35.73 44.92 16.61
C LEU A 210 -34.83 45.94 17.32
N ASN A 211 -35.38 46.95 18.01
CA ASN A 211 -34.59 47.88 18.87
C ASN A 211 -34.54 47.36 20.31
N ASN A 212 -35.31 46.31 20.61
CA ASN A 212 -35.24 45.60 21.90
C ASN A 212 -34.10 44.59 21.80
N GLN A 213 -32.99 44.85 22.47
CA GLN A 213 -31.78 43.96 22.48
C GLN A 213 -32.19 42.50 22.76
N SER A 214 -33.11 42.22 23.67
CA SER A 214 -33.47 40.81 24.01
C SER A 214 -34.13 40.16 22.79
N HIS A 215 -34.75 40.96 21.93
CA HIS A 215 -35.45 40.52 20.69
C HIS A 215 -34.44 40.28 19.56
N ARG A 216 -33.47 41.19 19.37
CA ARG A 216 -32.34 40.97 18.42
C ARG A 216 -31.64 39.66 18.75
N ASP A 217 -31.36 39.45 20.03
CA ASP A 217 -30.65 38.23 20.52
C ASP A 217 -31.37 37.01 19.97
N ARG A 218 -32.70 37.01 20.06
CA ARG A 218 -33.57 35.85 19.73
C ARG A 218 -33.47 35.59 18.22
N VAL A 219 -33.50 36.69 17.46
CA VAL A 219 -33.52 36.73 15.97
C VAL A 219 -32.14 36.31 15.45
N ILE A 220 -31.07 36.84 16.04
CA ILE A 220 -29.69 36.33 15.76
C ILE A 220 -29.60 34.82 16.07
N GLY A 221 -30.19 34.37 17.17
CA GLY A 221 -30.24 32.94 17.49
C GLY A 221 -30.89 32.12 16.40
N LEU A 222 -31.98 32.62 15.82
CA LEU A 222 -32.71 31.87 14.77
C LEU A 222 -31.87 31.85 13.50
N MET A 223 -31.32 33.00 13.11
CA MET A 223 -30.34 33.11 12.00
C MET A 223 -29.26 32.02 12.16
N MET A 224 -28.68 31.87 13.36
CA MET A 224 -27.61 30.88 13.67
C MET A 224 -28.16 29.47 13.44
N THR A 225 -29.37 29.16 13.92
CA THR A 225 -29.98 27.84 13.69
C THR A 225 -30.13 27.65 12.17
N ALA A 226 -30.61 28.66 11.45
CA ALA A 226 -30.83 28.63 9.99
C ALA A 226 -29.51 28.37 9.26
N CYS A 227 -28.44 29.10 9.63
CA CYS A 227 -27.12 28.94 8.98
C CYS A 227 -26.58 27.54 9.30
N ASP A 228 -26.78 27.11 10.54
CA ASP A 228 -26.19 25.84 11.02
C ASP A 228 -26.88 24.68 10.32
N LEU A 229 -28.14 24.83 9.92
CA LEU A 229 -28.91 23.71 9.30
C LEU A 229 -28.87 23.83 7.78
N CYS A 230 -28.09 24.78 7.22
CA CYS A 230 -28.27 25.27 5.82
C CYS A 230 -28.00 24.15 4.80
N SER A 231 -27.45 23.03 5.22
CA SER A 231 -27.23 21.86 4.33
C SER A 231 -28.57 21.41 3.73
N VAL A 232 -29.68 21.64 4.44
CA VAL A 232 -31.05 21.22 3.99
C VAL A 232 -31.58 22.23 2.97
N THR A 233 -30.89 23.34 2.73
CA THR A 233 -31.32 24.43 1.82
C THR A 233 -30.45 24.46 0.55
N LYS A 234 -29.68 23.42 0.28
CA LYS A 234 -28.81 23.32 -0.92
C LYS A 234 -29.56 22.57 -2.03
N LEU A 235 -28.96 22.47 -3.21
CA LEU A 235 -29.49 21.63 -4.31
C LEU A 235 -29.50 20.17 -3.84
N TRP A 236 -30.50 19.42 -4.29
CA TRP A 236 -30.76 18.05 -3.79
C TRP A 236 -29.44 17.25 -3.70
N PRO A 237 -28.59 17.22 -4.74
CA PRO A 237 -27.38 16.38 -4.71
C PRO A 237 -26.37 16.73 -3.61
N VAL A 238 -26.28 18.02 -3.28
CA VAL A 238 -25.42 18.50 -2.14
C VAL A 238 -26.06 18.06 -0.81
N THR A 239 -27.36 18.24 -0.67
CA THR A 239 -28.14 17.89 0.53
C THR A 239 -28.03 16.39 0.82
N LYS A 240 -28.24 15.60 -0.22
CA LYS A 240 -28.20 14.13 -0.17
C LYS A 240 -26.80 13.66 0.26
N LEU A 241 -25.73 14.21 -0.32
CA LEU A 241 -24.36 13.73 -0.01
C LEU A 241 -23.96 14.24 1.35
N THR A 242 -24.33 15.45 1.75
CA THR A 242 -24.03 15.93 3.12
C THR A 242 -24.70 15.02 4.17
N ALA A 243 -25.90 14.53 3.89
CA ALA A 243 -26.67 13.71 4.85
C ALA A 243 -25.91 12.43 5.19
N ASN A 244 -25.16 11.88 4.22
CA ASN A 244 -24.23 10.73 4.41
C ASN A 244 -23.23 11.06 5.52
N ASP A 245 -22.65 12.25 5.46
CA ASP A 245 -21.62 12.68 6.43
C ASP A 245 -22.31 12.79 7.79
N ILE A 246 -23.49 13.40 7.81
CA ILE A 246 -24.21 13.64 9.07
C ILE A 246 -24.46 12.27 9.70
N TYR A 247 -24.95 11.30 8.92
CA TYR A 247 -25.38 9.99 9.47
C TYR A 247 -24.15 9.17 9.88
N ALA A 248 -22.99 9.42 9.27
CA ALA A 248 -21.75 8.68 9.59
C ALA A 248 -21.32 9.06 11.02
N GLU A 249 -21.52 10.31 11.43
CA GLU A 249 -21.26 10.73 12.83
C GLU A 249 -22.33 10.08 13.70
N PHE A 250 -23.60 10.12 13.29
CA PHE A 250 -24.69 9.57 14.12
C PHE A 250 -24.43 8.10 14.42
N TRP A 251 -24.04 7.34 13.41
CA TRP A 251 -23.87 5.87 13.53
C TRP A 251 -22.63 5.56 14.39
N ALA A 252 -21.54 6.31 14.22
CA ALA A 252 -20.36 6.28 15.12
C ALA A 252 -20.84 6.52 16.55
N GLU A 253 -21.64 7.56 16.79
CA GLU A 253 -22.15 7.85 18.17
C GLU A 253 -23.02 6.68 18.65
N GLY A 254 -23.80 6.08 17.76
CA GLY A 254 -24.66 4.93 18.11
C GLY A 254 -23.81 3.73 18.51
N ASP A 255 -22.70 3.54 17.80
CA ASP A 255 -21.70 2.49 18.10
C ASP A 255 -21.17 2.74 19.51
N GLU A 256 -20.84 3.98 19.87
CA GLU A 256 -20.21 4.31 21.17
C GLU A 256 -21.25 4.16 22.28
N MET A 257 -22.52 4.47 22.00
CA MET A 257 -23.63 4.20 22.95
C MET A 257 -23.67 2.69 23.26
N LYS A 258 -23.66 1.84 22.22
CA LYS A 258 -23.73 0.37 22.38
C LYS A 258 -22.56 -0.12 23.24
N LYS A 259 -21.38 0.46 23.07
CA LYS A 259 -20.16 0.20 23.87
C LYS A 259 -20.39 0.58 25.34
N LEU A 260 -21.16 1.62 25.63
CA LEU A 260 -21.54 1.96 27.02
C LEU A 260 -22.68 1.07 27.53
N GLY A 261 -23.20 0.13 26.73
CA GLY A 261 -24.32 -0.76 27.12
C GLY A 261 -25.67 -0.07 27.04
N ILE A 262 -25.84 0.86 26.10
CA ILE A 262 -27.10 1.62 25.87
C ILE A 262 -27.53 1.40 24.42
N GLN A 263 -28.77 0.98 24.20
CA GLN A 263 -29.36 0.94 22.84
C GLN A 263 -29.55 2.39 22.41
N PRO A 264 -28.92 2.83 21.29
CA PRO A 264 -29.09 4.19 20.83
C PRO A 264 -30.49 4.35 20.24
N ILE A 265 -30.99 5.58 20.21
CA ILE A 265 -32.18 5.95 19.41
C ILE A 265 -31.94 5.44 17.99
N PRO A 266 -33.00 5.04 17.22
CA PRO A 266 -32.80 4.47 15.88
C PRO A 266 -32.04 5.36 14.88
N MET A 267 -32.27 6.68 14.92
CA MET A 267 -31.54 7.69 14.12
C MET A 267 -30.05 7.31 14.05
N MET A 268 -29.49 6.92 15.19
CA MET A 268 -28.04 6.71 15.40
C MET A 268 -27.68 5.23 15.22
N ASP A 269 -28.64 4.33 15.00
CA ASP A 269 -28.35 2.88 14.93
C ASP A 269 -28.07 2.51 13.47
N ARG A 270 -26.86 2.04 13.15
CA ARG A 270 -26.46 1.81 11.72
C ARG A 270 -27.14 0.53 11.22
N ASP A 271 -27.75 -0.26 12.11
CA ASP A 271 -28.53 -1.46 11.72
C ASP A 271 -29.86 -1.04 11.12
N LYS A 272 -30.30 0.21 11.38
CA LYS A 272 -31.65 0.75 11.03
C LYS A 272 -31.53 1.88 10.01
N LYS A 273 -30.68 1.72 8.99
CA LYS A 273 -30.46 2.70 7.88
C LYS A 273 -31.75 2.89 7.09
N ASP A 274 -32.48 1.78 6.83
CA ASP A 274 -33.82 1.78 6.19
C ASP A 274 -34.67 2.94 6.71
N GLU A 275 -34.58 3.32 8.00
CA GLU A 275 -35.51 4.30 8.65
C GLU A 275 -35.07 5.75 8.45
N VAL A 276 -33.98 6.00 7.72
CA VAL A 276 -33.34 7.34 7.55
C VAL A 276 -34.30 8.28 6.82
N PRO A 277 -34.84 7.89 5.63
CA PRO A 277 -35.71 8.80 4.87
C PRO A 277 -36.89 9.30 5.70
N GLN A 278 -37.55 8.41 6.44
CA GLN A 278 -38.64 8.80 7.38
C GLN A 278 -38.08 9.74 8.47
N GLY A 279 -36.90 9.44 9.03
CA GLY A 279 -36.23 10.30 10.04
C GLY A 279 -35.90 11.69 9.50
N GLN A 280 -35.54 11.79 8.22
CA GLN A 280 -35.30 13.10 7.57
C GLN A 280 -36.62 13.86 7.42
N LEU A 281 -37.68 13.18 6.95
CA LEU A 281 -39.07 13.74 6.96
C LEU A 281 -39.38 14.42 8.30
N GLY A 282 -39.22 13.66 9.40
CA GLY A 282 -39.53 14.12 10.76
C GLY A 282 -38.80 15.39 11.08
N PHE A 283 -37.51 15.42 10.70
CA PHE A 283 -36.56 16.52 11.00
C PHE A 283 -36.92 17.77 10.18
N TYR A 284 -37.20 17.62 8.89
CA TYR A 284 -37.65 18.76 8.03
C TYR A 284 -38.92 19.34 8.65
N ASN A 285 -39.81 18.46 9.11
CA ASN A 285 -41.15 18.86 9.63
C ASN A 285 -41.02 19.42 11.04
N ALA A 286 -40.27 18.75 11.93
CA ALA A 286 -40.14 19.20 13.35
C ALA A 286 -39.19 20.40 13.49
N VAL A 287 -38.17 20.54 12.64
CA VAL A 287 -37.07 21.52 12.90
C VAL A 287 -36.88 22.50 11.74
N ALA A 288 -36.45 22.01 10.58
CA ALA A 288 -35.97 22.80 9.42
C ALA A 288 -37.09 23.72 8.92
N ILE A 289 -38.23 23.17 8.50
CA ILE A 289 -39.33 23.97 7.89
C ILE A 289 -39.82 25.04 8.86
N PRO A 290 -40.21 24.69 10.10
CA PRO A 290 -40.57 25.71 11.08
C PRO A 290 -39.49 26.79 11.28
N CYS A 291 -38.20 26.39 11.26
CA CYS A 291 -37.06 27.31 11.39
C CYS A 291 -37.05 28.34 10.26
N TYR A 292 -37.05 27.92 9.00
CA TYR A 292 -36.96 28.87 7.86
C TYR A 292 -38.29 29.62 7.66
N THR A 293 -39.44 29.03 8.06
CA THR A 293 -40.76 29.72 8.05
C THR A 293 -40.69 30.97 8.95
N THR A 294 -40.41 30.80 10.25
CA THR A 294 -40.28 31.90 11.22
C THR A 294 -39.22 32.88 10.71
N LEU A 295 -38.10 32.40 10.16
CA LEU A 295 -37.03 33.32 9.67
C LEU A 295 -37.55 34.16 8.50
N THR A 296 -38.31 33.54 7.59
CA THR A 296 -38.87 34.23 6.41
C THR A 296 -39.83 35.34 6.89
N GLN A 297 -40.68 35.03 7.86
CA GLN A 297 -41.66 35.97 8.47
C GLN A 297 -40.91 37.19 9.02
N ILE A 298 -39.79 36.99 9.71
CA ILE A 298 -39.03 38.09 10.37
C ILE A 298 -38.19 38.83 9.33
N LEU A 299 -37.57 38.09 8.40
CA LEU A 299 -36.63 38.63 7.39
C LEU A 299 -37.06 38.14 6.02
N PRO A 300 -38.00 38.85 5.38
CA PRO A 300 -38.61 38.39 4.14
C PRO A 300 -37.61 37.97 3.07
N PRO A 301 -36.49 38.68 2.86
CA PRO A 301 -35.54 38.26 1.83
C PRO A 301 -34.85 36.89 2.05
N THR A 302 -35.05 36.20 3.18
CA THR A 302 -34.46 34.85 3.42
C THR A 302 -35.39 33.75 2.90
N GLU A 303 -36.39 34.14 2.11
CA GLU A 303 -37.43 33.20 1.60
C GLU A 303 -36.80 32.06 0.80
N PRO A 304 -35.74 32.33 -0.02
CA PRO A 304 -35.15 31.28 -0.82
C PRO A 304 -34.70 30.08 0.04
N LEU A 305 -34.29 30.28 1.30
CA LEU A 305 -33.89 29.17 2.22
C LEU A 305 -35.10 28.29 2.46
N LEU A 306 -36.26 28.90 2.75
CA LEU A 306 -37.54 28.15 2.95
C LEU A 306 -37.91 27.37 1.69
N LYS A 307 -37.85 28.01 0.54
CA LYS A 307 -38.25 27.38 -0.74
C LYS A 307 -37.34 26.16 -0.99
N ALA A 308 -36.02 26.33 -0.83
CA ALA A 308 -35.02 25.27 -1.06
C ALA A 308 -35.26 24.13 -0.07
N CYS A 309 -35.53 24.46 1.19
CA CYS A 309 -35.83 23.46 2.24
C CYS A 309 -37.07 22.66 1.84
N ARG A 310 -38.14 23.34 1.44
CA ARG A 310 -39.38 22.67 0.95
CA ARG A 310 -39.39 22.70 0.93
C ARG A 310 -39.03 21.77 -0.25
N ASP A 311 -38.23 22.24 -1.20
CA ASP A 311 -37.85 21.39 -2.39
C ASP A 311 -37.22 20.07 -1.91
N ASN A 312 -36.31 20.14 -0.93
CA ASN A 312 -35.59 18.95 -0.43
C ASN A 312 -36.53 18.08 0.43
N LEU A 313 -37.46 18.66 1.18
CA LEU A 313 -38.49 17.81 1.88
C LEU A 313 -39.17 16.96 0.80
N SER A 314 -39.54 17.61 -0.29
CA SER A 314 -40.24 16.93 -1.39
C SER A 314 -39.33 15.82 -1.96
N GLN A 315 -38.02 16.07 -2.05
CA GLN A 315 -37.06 15.05 -2.56
C GLN A 315 -37.02 13.83 -1.62
N TRP A 316 -37.07 14.03 -0.30
CA TRP A 316 -37.06 12.90 0.68
C TRP A 316 -38.37 12.10 0.57
N GLU A 317 -39.49 12.80 0.37
CA GLU A 317 -40.79 12.14 0.13
C GLU A 317 -40.64 11.18 -1.06
N LYS A 318 -39.98 11.62 -2.15
CA LYS A 318 -39.73 10.77 -3.33
C LYS A 318 -38.87 9.56 -2.96
N VAL A 319 -37.84 9.70 -2.13
CA VAL A 319 -36.98 8.54 -1.76
C VAL A 319 -37.91 7.48 -1.15
N ILE A 320 -38.76 7.88 -0.21
CA ILE A 320 -39.67 6.96 0.53
C ILE A 320 -40.57 6.24 -0.48
N ARG A 321 -41.14 6.97 -1.44
CA ARG A 321 -42.12 6.40 -2.41
C ARG A 321 -41.40 5.50 -3.42
N GLY A 322 -40.09 5.27 -3.24
CA GLY A 322 -39.30 4.35 -4.08
C GLY A 322 -38.90 4.95 -5.42
N GLU A 323 -39.24 6.23 -5.68
CA GLU A 323 -38.97 6.96 -6.96
C GLU A 323 -37.51 7.47 -7.04
N GLU A 324 -36.67 7.17 -6.03
CA GLU A 324 -35.18 7.26 -6.03
C GLU A 324 -34.62 6.89 -4.64
N GLN B 11 32.41 9.23 0.45
CA GLN B 11 30.98 8.79 0.53
C GLN B 11 30.31 8.91 -0.86
N GLY B 12 30.90 8.27 -1.87
CA GLY B 12 30.47 8.38 -3.30
C GLY B 12 30.33 7.04 -4.01
N LEU B 13 30.86 5.95 -3.43
CA LEU B 13 30.70 4.55 -3.92
C LEU B 13 29.62 3.84 -3.07
N MET B 14 28.58 4.58 -2.68
CA MET B 14 27.34 4.09 -2.01
C MET B 14 26.32 3.72 -3.07
N GLN B 15 26.02 2.43 -3.25
CA GLN B 15 24.92 1.99 -4.14
C GLN B 15 23.76 1.52 -3.25
N PHE B 16 22.52 1.83 -3.65
CA PHE B 16 21.34 1.30 -2.93
C PHE B 16 21.18 -0.17 -3.29
N THR B 17 20.83 -0.98 -2.30
CA THR B 17 20.49 -2.41 -2.47
C THR B 17 19.05 -2.61 -2.05
N LEU B 18 18.44 -3.66 -2.57
CA LEU B 18 17.07 -4.07 -2.26
C LEU B 18 17.13 -5.50 -1.73
N PRO B 19 16.19 -5.90 -0.86
CA PRO B 19 16.02 -7.32 -0.53
C PRO B 19 15.92 -8.17 -1.81
N VAL B 20 16.45 -9.39 -1.76
CA VAL B 20 16.55 -10.33 -2.92
C VAL B 20 15.28 -10.22 -3.77
N ARG B 21 14.09 -10.43 -3.19
CA ARG B 21 12.81 -10.60 -3.93
C ARG B 21 12.49 -9.33 -4.73
N LEU B 22 12.78 -8.15 -4.19
CA LEU B 22 12.54 -6.86 -4.91
C LEU B 22 13.59 -6.73 -6.01
N CYS B 23 14.84 -6.96 -5.65
CA CYS B 23 16.01 -6.87 -6.57
C CYS B 23 15.66 -7.54 -7.91
N LYS B 24 15.12 -8.76 -7.87
CA LYS B 24 14.83 -9.57 -9.08
C LYS B 24 13.52 -9.09 -9.72
N GLU B 25 12.49 -8.87 -8.92
CA GLU B 25 11.11 -8.54 -9.38
C GLU B 25 11.12 -7.14 -10.03
N ILE B 26 11.98 -6.23 -9.60
CA ILE B 26 11.87 -4.80 -10.03
C ILE B 26 12.21 -4.68 -11.51
N GLU B 27 12.91 -5.68 -12.07
CA GLU B 27 13.36 -5.68 -13.50
C GLU B 27 12.20 -6.11 -14.37
N LEU B 28 11.16 -6.71 -13.80
CA LEU B 28 9.92 -7.10 -14.52
C LEU B 28 8.96 -5.90 -14.60
N PHE B 29 8.35 -5.72 -15.76
CA PHE B 29 7.32 -4.69 -16.02
C PHE B 29 6.17 -4.82 -15.01
N HIS B 30 5.77 -6.04 -14.60
CA HIS B 30 4.56 -6.21 -13.75
C HIS B 30 4.87 -6.05 -12.24
N PHE B 31 6.02 -5.48 -11.88
CA PHE B 31 6.44 -5.29 -10.48
C PHE B 31 5.46 -4.34 -9.77
N ASP B 32 5.08 -4.70 -8.54
CA ASP B 32 4.27 -3.84 -7.64
C ASP B 32 5.21 -3.35 -6.54
N ILE B 33 5.27 -2.03 -6.27
CA ILE B 33 6.28 -1.45 -5.33
C ILE B 33 5.90 -1.72 -3.87
N GLY B 34 4.72 -2.30 -3.64
CA GLY B 34 4.33 -2.76 -2.30
C GLY B 34 3.79 -1.66 -1.41
N PRO B 35 3.28 -2.02 -0.21
CA PRO B 35 2.58 -1.08 0.68
C PRO B 35 3.41 -0.35 1.74
N PHE B 36 4.73 -0.49 1.71
CA PHE B 36 5.65 0.16 2.67
C PHE B 36 6.16 1.47 2.06
N GLU B 37 5.42 2.57 2.30
CA GLU B 37 5.70 3.96 1.82
C GLU B 37 7.19 4.31 1.96
N ASN B 38 7.82 3.96 3.10
CA ASN B 38 9.20 4.34 3.50
C ASN B 38 10.25 3.72 2.56
N MET B 39 9.92 2.62 1.90
CA MET B 39 10.83 1.96 0.93
C MET B 39 10.79 2.60 -0.46
N TRP B 40 9.78 3.40 -0.80
CA TRP B 40 9.60 3.86 -2.21
C TRP B 40 10.73 4.82 -2.59
N PRO B 41 11.15 5.76 -1.73
CA PRO B 41 12.26 6.64 -2.07
C PRO B 41 13.50 5.81 -2.41
N GLY B 42 13.74 4.75 -1.63
CA GLY B 42 14.91 3.89 -1.80
C GLY B 42 14.83 3.19 -3.14
N ILE B 43 13.63 2.75 -3.50
CA ILE B 43 13.31 2.04 -4.78
C ILE B 43 13.61 2.97 -5.95
N PHE B 44 13.24 4.25 -5.85
CA PHE B 44 13.47 5.22 -6.95
C PHE B 44 14.98 5.50 -7.12
N VAL B 45 15.71 5.76 -6.02
CA VAL B 45 17.17 6.05 -6.06
C VAL B 45 17.89 4.85 -6.64
N TYR B 46 17.48 3.63 -6.25
CA TYR B 46 17.99 2.37 -6.82
C TYR B 46 17.73 2.33 -8.31
N MET B 47 16.53 2.78 -8.72
CA MET B 47 16.19 2.82 -10.16
C MET B 47 17.03 3.87 -10.87
N VAL B 48 17.32 5.01 -10.26
CA VAL B 48 18.15 6.07 -10.90
C VAL B 48 19.60 5.61 -11.03
N HIS B 49 20.17 4.96 -10.02
CA HIS B 49 21.61 4.57 -10.01
C HIS B 49 21.89 3.47 -11.04
N ARG B 50 20.96 2.53 -11.24
CA ARG B 50 21.11 1.39 -12.21
C ARG B 50 20.69 1.83 -13.62
N SER B 51 20.06 3.00 -13.75
CA SER B 51 19.46 3.46 -15.02
C SER B 51 20.35 4.51 -15.68
N CYS B 52 21.02 5.37 -14.91
CA CYS B 52 21.99 6.31 -15.52
C CYS B 52 23.20 6.55 -14.63
N GLY B 53 23.33 5.81 -13.52
CA GLY B 53 24.60 5.75 -12.76
C GLY B 53 24.55 6.47 -11.42
N THR B 54 25.53 6.16 -10.56
CA THR B 54 25.73 6.69 -9.18
C THR B 54 26.14 8.16 -9.26
N SER B 55 26.67 8.56 -10.40
CA SER B 55 27.22 9.91 -10.71
C SER B 55 26.14 10.86 -11.21
N CYS B 56 24.99 10.33 -11.64
CA CYS B 56 23.91 11.08 -12.33
C CYS B 56 23.53 12.31 -11.51
N PHE B 57 23.32 12.12 -10.20
CA PHE B 57 22.85 13.15 -9.26
C PHE B 57 23.70 13.12 -8.00
N GLU B 58 23.97 14.28 -7.42
CA GLU B 58 24.56 14.35 -6.06
C GLU B 58 23.50 13.75 -5.12
N LEU B 59 23.84 12.69 -4.40
CA LEU B 59 22.89 11.91 -3.58
C LEU B 59 22.18 12.79 -2.53
N GLU B 60 22.87 13.67 -1.81
CA GLU B 60 22.24 14.55 -0.78
C GLU B 60 21.06 15.28 -1.43
N LYS B 61 21.31 16.03 -2.53
CA LYS B 61 20.32 16.86 -3.27
C LYS B 61 19.15 16.00 -3.78
N LEU B 62 19.43 14.84 -4.36
CA LEU B 62 18.39 13.96 -4.92
C LEU B 62 17.41 13.56 -3.81
N CME B 63 17.91 13.15 -2.65
CA CME B 63 17.09 12.70 -1.50
CB CME B 63 17.91 12.04 -0.39
SG CME B 63 18.39 10.30 -0.68
SD CME B 63 16.60 9.27 -0.72
CE CME B 63 16.27 8.73 0.99
CZ CME B 63 16.74 7.33 1.26
OH CME B 63 17.12 7.14 2.60
C CME B 63 16.25 13.89 -1.04
O CME B 63 15.07 13.74 -0.78
N ARG B 64 16.82 15.08 -1.03
CA ARG B 64 16.08 16.30 -0.63
C ARG B 64 15.01 16.57 -1.70
N PHE B 65 15.34 16.35 -2.99
CA PHE B 65 14.41 16.53 -4.12
C PHE B 65 13.23 15.54 -3.95
N ILE B 66 13.55 14.26 -3.73
CA ILE B 66 12.54 13.17 -3.59
C ILE B 66 11.57 13.50 -2.46
N MET B 67 12.06 13.94 -1.29
CA MET B 67 11.21 14.18 -0.10
C MET B 67 10.33 15.38 -0.33
N SER B 68 10.82 16.44 -0.98
CA SER B 68 9.98 17.62 -1.31
C SER B 68 8.86 17.22 -2.31
N VAL B 69 9.18 16.34 -3.27
CA VAL B 69 8.18 15.84 -4.24
C VAL B 69 7.14 15.05 -3.45
N LYS B 70 7.55 14.08 -2.63
CA LYS B 70 6.59 13.29 -1.83
C LYS B 70 5.61 14.26 -1.15
N LYS B 71 6.15 15.24 -0.45
CA LYS B 71 5.39 16.21 0.37
C LYS B 71 4.36 16.93 -0.49
N ASN B 72 4.62 17.19 -1.77
CA ASN B 72 3.70 17.95 -2.66
C ASN B 72 2.75 17.03 -3.44
N TYR B 73 2.65 15.76 -3.07
CA TYR B 73 1.55 14.85 -3.49
C TYR B 73 0.52 14.73 -2.37
N ARG B 74 -0.75 14.66 -2.72
CA ARG B 74 -1.86 14.70 -1.74
C ARG B 74 -2.29 13.27 -1.41
N ARG B 75 -3.03 13.12 -0.32
CA ARG B 75 -3.56 11.82 0.15
C ARG B 75 -4.91 11.61 -0.52
N VAL B 76 -4.86 11.34 -1.81
CA VAL B 76 -6.03 11.00 -2.66
C VAL B 76 -5.96 9.51 -2.95
N PRO B 77 -7.07 8.87 -3.33
CA PRO B 77 -7.10 7.43 -3.50
C PRO B 77 -6.16 6.87 -4.60
N TYR B 78 -5.88 7.62 -5.66
CA TYR B 78 -5.13 7.08 -6.81
C TYR B 78 -3.98 8.02 -7.21
N HIS B 79 -4.24 9.29 -7.48
CA HIS B 79 -3.24 10.25 -8.01
C HIS B 79 -2.28 10.67 -6.89
N ASN B 80 -1.64 9.68 -6.29
CA ASN B 80 -0.89 9.88 -5.03
C ASN B 80 0.58 9.57 -5.26
N TRP B 81 1.37 9.68 -4.19
CA TRP B 81 2.82 9.37 -4.18
C TRP B 81 3.07 7.95 -4.69
N LYS B 82 2.24 6.99 -4.33
CA LYS B 82 2.43 5.60 -4.82
C LYS B 82 2.36 5.55 -6.35
N HIS B 83 1.42 6.28 -6.95
CA HIS B 83 1.23 6.32 -8.42
C HIS B 83 2.51 6.88 -9.06
N ALA B 84 3.01 7.99 -8.55
CA ALA B 84 4.22 8.67 -9.09
C ALA B 84 5.37 7.67 -9.19
N VAL B 85 5.59 6.85 -8.17
CA VAL B 85 6.76 5.92 -8.11
C VAL B 85 6.46 4.75 -9.04
N THR B 86 5.22 4.26 -9.03
CA THR B 86 4.75 3.18 -9.93
C THR B 86 5.01 3.54 -11.39
N VAL B 87 4.73 4.77 -11.79
CA VAL B 87 4.88 5.26 -13.19
C VAL B 87 6.38 5.42 -13.46
N ALA B 88 7.16 5.93 -12.51
CA ALA B 88 8.63 6.00 -12.65
C ALA B 88 9.22 4.59 -12.86
N HIS B 89 8.69 3.59 -12.15
CA HIS B 89 9.20 2.21 -12.25
C HIS B 89 8.97 1.66 -13.67
N CYS B 90 7.75 1.79 -14.19
CA CYS B 90 7.41 1.39 -15.57
C CYS B 90 8.41 2.01 -16.56
N MET B 91 8.68 3.30 -16.45
CA MET B 91 9.61 4.02 -17.34
C MET B 91 10.99 3.40 -17.15
N TYR B 92 11.30 2.97 -15.93
CA TYR B 92 12.59 2.33 -15.59
C TYR B 92 12.67 1.01 -16.35
N ALA B 93 11.62 0.21 -16.33
CA ALA B 93 11.56 -1.08 -17.08
C ALA B 93 11.78 -0.81 -18.57
N ILE B 94 11.13 0.22 -19.13
CA ILE B 94 11.27 0.58 -20.57
C ILE B 94 12.74 0.91 -20.82
N LEU B 95 13.32 1.82 -20.03
CA LEU B 95 14.70 2.34 -20.25
C LEU B 95 15.73 1.21 -20.16
N GLN B 96 15.61 0.31 -19.17
CA GLN B 96 16.57 -0.81 -18.94
C GLN B 96 16.54 -1.78 -20.14
N ASN B 97 15.35 -2.03 -20.72
CA ASN B 97 15.18 -2.95 -21.88
C ASN B 97 15.39 -2.26 -23.23
N ASN B 98 15.67 -0.96 -23.27
CA ASN B 98 15.97 -0.24 -24.54
C ASN B 98 17.12 0.75 -24.31
N HIS B 99 18.18 0.34 -23.61
CA HIS B 99 19.10 1.29 -22.92
C HIS B 99 19.92 2.10 -23.93
N THR B 100 20.26 1.55 -25.09
CA THR B 100 21.12 2.26 -26.08
C THR B 100 20.33 3.27 -26.89
N LEU B 101 18.99 3.23 -26.88
CA LEU B 101 18.12 4.15 -27.69
C LEU B 101 18.14 5.59 -27.14
N PHE B 102 18.33 5.78 -25.83
CA PHE B 102 18.16 7.09 -25.17
C PHE B 102 19.50 7.65 -24.72
N THR B 103 19.63 8.97 -24.79
CA THR B 103 20.82 9.74 -24.34
C THR B 103 20.83 9.72 -22.81
N ASP B 104 21.90 10.25 -22.21
CA ASP B 104 22.06 10.31 -20.73
C ASP B 104 21.13 11.41 -20.20
N LEU B 105 20.96 12.51 -20.94
CA LEU B 105 20.01 13.60 -20.57
C LEU B 105 18.60 13.01 -20.44
N GLU B 106 18.21 12.22 -21.44
CA GLU B 106 16.85 11.65 -21.54
C GLU B 106 16.66 10.70 -20.37
N ARG B 107 17.61 9.80 -20.11
CA ARG B 107 17.50 8.84 -18.97
C ARG B 107 17.29 9.64 -17.67
N LYS B 108 18.04 10.73 -17.48
CA LYS B 108 17.95 11.64 -16.30
C LYS B 108 16.56 12.26 -16.21
N GLY B 109 16.11 12.93 -17.28
CA GLY B 109 14.86 13.72 -17.29
C GLY B 109 13.61 12.87 -17.13
N LEU B 110 13.58 11.70 -17.74
CA LEU B 110 12.34 10.92 -17.89
C LEU B 110 11.93 10.26 -16.56
N LEU B 111 12.87 9.75 -15.75
CA LEU B 111 12.51 9.19 -14.43
C LEU B 111 12.07 10.34 -13.51
N ILE B 112 12.70 11.50 -13.60
CA ILE B 112 12.32 12.69 -12.79
C ILE B 112 10.94 13.15 -13.30
N ALA B 113 10.73 13.12 -14.61
CA ALA B 113 9.44 13.52 -15.23
C ALA B 113 8.33 12.61 -14.68
N CYS B 114 8.55 11.30 -14.70
CA CYS B 114 7.57 10.32 -14.18
C CYS B 114 7.24 10.62 -12.71
N LEU B 115 8.26 10.83 -11.88
CA LEU B 115 8.10 11.05 -10.43
C LEU B 115 7.28 12.31 -10.17
N CYS B 116 7.47 13.34 -10.99
CA CYS B 116 6.84 14.67 -10.80
C CYS B 116 5.54 14.83 -11.61
N HIS B 117 5.12 13.84 -12.41
CA HIS B 117 4.14 14.07 -13.51
C HIS B 117 2.74 14.39 -12.99
N ASP B 118 2.37 13.99 -11.78
CA ASP B 118 1.04 14.33 -11.20
C ASP B 118 1.17 15.27 -9.98
N LEU B 119 2.31 15.94 -9.80
CA LEU B 119 2.57 16.74 -8.56
C LEU B 119 1.32 17.56 -8.22
N ASP B 120 0.84 17.46 -6.98
CA ASP B 120 -0.19 18.34 -6.37
C ASP B 120 -1.53 18.11 -7.06
N HIS B 121 -1.78 16.87 -7.51
CA HIS B 121 -3.08 16.44 -8.08
C HIS B 121 -4.13 16.43 -6.96
N ARG B 122 -5.36 16.82 -7.26
CA ARG B 122 -6.43 16.96 -6.24
C ARG B 122 -7.42 15.80 -6.38
N GLY B 123 -7.19 14.93 -7.38
CA GLY B 123 -8.02 13.76 -7.76
C GLY B 123 -9.10 14.12 -8.79
N PHE B 124 -9.03 15.30 -9.40
CA PHE B 124 -10.09 15.82 -10.30
C PHE B 124 -9.54 16.02 -11.71
N SER B 125 -10.33 15.69 -12.73
CA SER B 125 -9.98 15.90 -14.16
C SER B 125 -9.86 17.40 -14.52
N ASN B 126 -9.22 17.71 -15.65
CA ASN B 126 -9.24 19.04 -16.29
C ASN B 126 -10.68 19.51 -16.56
N SER B 127 -11.56 18.62 -17.02
CA SER B 127 -13.00 18.96 -17.21
C SER B 127 -13.55 19.49 -15.90
N TYR B 128 -13.36 18.78 -14.80
CA TYR B 128 -13.99 19.23 -13.53
C TYR B 128 -13.47 20.63 -13.19
N LEU B 129 -12.15 20.83 -13.25
CA LEU B 129 -11.51 22.14 -12.98
C LEU B 129 -12.13 23.20 -13.92
N GLN B 130 -12.40 22.85 -15.17
CA GLN B 130 -12.98 23.78 -16.18
C GLN B 130 -14.41 24.15 -15.71
N LYS B 131 -15.26 23.18 -15.40
CA LYS B 131 -16.68 23.43 -15.06
C LYS B 131 -16.79 24.08 -13.69
N PHE B 132 -15.86 23.81 -12.79
CA PHE B 132 -15.85 24.42 -11.45
C PHE B 132 -15.44 25.90 -11.55
N ASP B 133 -14.71 26.26 -12.60
CA ASP B 133 -14.05 27.59 -12.77
C ASP B 133 -12.97 27.69 -11.69
N HIS B 134 -12.10 26.69 -11.57
CA HIS B 134 -10.90 26.72 -10.71
C HIS B 134 -9.90 27.72 -11.26
N PRO B 135 -9.27 28.55 -10.40
CA PRO B 135 -8.19 29.45 -10.83
C PRO B 135 -7.18 28.87 -11.84
N LEU B 136 -6.77 27.62 -11.64
CA LEU B 136 -5.84 26.93 -12.55
C LEU B 136 -6.42 26.82 -13.97
N ALA B 137 -7.72 26.83 -14.16
CA ALA B 137 -8.36 26.78 -15.50
C ALA B 137 -8.18 28.10 -16.27
N ALA B 138 -8.08 29.23 -15.56
CA ALA B 138 -7.92 30.57 -16.18
C ALA B 138 -6.45 30.78 -16.51
N LEU B 139 -5.58 30.14 -15.75
CA LEU B 139 -4.11 30.23 -15.89
C LEU B 139 -3.65 29.33 -17.04
N TYR B 140 -4.26 28.16 -17.19
CA TYR B 140 -3.87 27.12 -18.17
C TYR B 140 -5.13 26.62 -18.88
N SER B 141 -5.42 27.18 -20.06
CA SER B 141 -6.70 26.92 -20.78
C SER B 141 -6.74 25.46 -21.25
N THR B 142 -5.60 24.86 -21.64
CA THR B 142 -5.51 23.42 -21.98
C THR B 142 -4.43 22.71 -21.15
N SER B 143 -4.52 21.39 -21.12
CA SER B 143 -3.67 20.54 -20.26
C SER B 143 -3.49 21.18 -18.87
N THR B 144 -4.60 21.55 -18.21
CA THR B 144 -4.60 22.45 -17.03
C THR B 144 -3.77 21.84 -15.90
N MET B 145 -4.10 20.61 -15.50
CA MET B 145 -3.39 19.97 -14.36
C MET B 145 -1.93 19.74 -14.75
N GLU B 146 -1.68 19.41 -16.02
CA GLU B 146 -0.33 19.00 -16.47
C GLU B 146 0.57 20.23 -16.49
N GLN B 147 0.10 21.38 -16.98
CA GLN B 147 0.92 22.62 -16.92
C GLN B 147 1.22 22.96 -15.45
N HIS B 148 0.26 22.70 -14.54
CA HIS B 148 0.42 22.90 -13.07
C HIS B 148 1.43 21.88 -12.51
N HIS B 149 1.33 20.60 -12.89
CA HIS B 149 2.34 19.59 -12.52
C HIS B 149 3.75 20.08 -12.91
N PHE B 150 3.91 20.60 -14.13
CA PHE B 150 5.25 21.02 -14.61
C PHE B 150 5.74 22.19 -13.74
N SER B 151 4.87 23.17 -13.53
CA SER B 151 5.18 24.42 -12.79
C SER B 151 5.52 24.08 -11.34
N GLN B 152 4.83 23.13 -10.71
CA GLN B 152 5.20 22.63 -9.38
C GLN B 152 6.58 22.00 -9.42
N THR B 153 6.95 21.36 -10.52
CA THR B 153 8.24 20.65 -10.66
C THR B 153 9.36 21.69 -10.64
N VAL B 154 9.17 22.79 -11.39
CA VAL B 154 10.20 23.88 -11.51
C VAL B 154 10.36 24.53 -10.13
N SER B 155 9.27 24.82 -9.41
CA SER B 155 9.27 25.39 -8.04
C SER B 155 10.17 24.57 -7.10
N ILE B 156 9.99 23.24 -7.09
CA ILE B 156 10.77 22.35 -6.20
C ILE B 156 12.23 22.32 -6.64
N LEU B 157 12.52 22.45 -7.94
CA LEU B 157 13.92 22.45 -8.47
C LEU B 157 14.69 23.70 -8.00
N GLN B 158 13.97 24.76 -7.64
CA GLN B 158 14.53 26.09 -7.29
C GLN B 158 14.53 26.32 -5.77
N LEU B 159 13.98 25.39 -4.98
CA LEU B 159 14.17 25.36 -3.51
C LEU B 159 15.68 25.23 -3.23
N GLU B 160 16.20 25.93 -2.20
CA GLU B 160 17.63 25.89 -1.80
C GLU B 160 17.98 24.41 -1.59
N GLY B 161 19.04 23.96 -2.26
CA GLY B 161 19.64 22.63 -2.09
C GLY B 161 18.93 21.54 -2.88
N HIS B 162 17.99 21.92 -3.77
CA HIS B 162 17.11 20.96 -4.51
C HIS B 162 17.48 20.84 -5.99
N ASN B 163 18.37 21.69 -6.53
CA ASN B 163 18.67 21.68 -7.99
C ASN B 163 19.60 20.51 -8.31
N ILE B 164 18.99 19.34 -8.54
CA ILE B 164 19.65 18.05 -8.85
C ILE B 164 20.32 18.08 -10.23
N PHE B 165 20.10 19.14 -11.02
CA PHE B 165 20.73 19.34 -12.35
C PHE B 165 21.79 20.45 -12.26
N SER B 166 22.41 20.65 -11.09
CA SER B 166 23.40 21.73 -10.84
C SER B 166 24.64 21.51 -11.73
N THR B 167 25.09 20.26 -11.91
CA THR B 167 26.33 19.92 -12.68
C THR B 167 26.16 20.20 -14.19
N LEU B 168 24.94 20.16 -14.72
CA LEU B 168 24.67 20.26 -16.19
C LEU B 168 25.14 21.61 -16.73
N SER B 169 25.67 21.66 -17.96
CA SER B 169 25.91 22.94 -18.69
C SER B 169 24.60 23.74 -18.75
N SER B 170 24.65 25.03 -19.06
CA SER B 170 23.43 25.86 -19.17
C SER B 170 22.53 25.30 -20.29
N SER B 171 23.14 24.73 -21.34
CA SER B 171 22.42 24.15 -22.51
C SER B 171 21.84 22.79 -22.16
N GLU B 172 22.61 21.90 -21.53
CA GLU B 172 22.08 20.61 -21.06
C GLU B 172 20.90 20.89 -20.11
N TYR B 173 21.05 21.81 -19.15
CA TYR B 173 19.99 22.17 -18.17
C TYR B 173 18.71 22.46 -18.94
N GLU B 174 18.79 23.28 -19.97
CA GLU B 174 17.60 23.78 -20.70
C GLU B 174 16.96 22.60 -21.47
N GLN B 175 17.78 21.75 -22.07
CA GLN B 175 17.29 20.58 -22.82
C GLN B 175 16.57 19.62 -21.87
N VAL B 176 17.10 19.39 -20.65
CA VAL B 176 16.54 18.38 -19.72
C VAL B 176 15.20 18.93 -19.20
N LEU B 177 15.09 20.24 -18.98
CA LEU B 177 13.84 20.86 -18.49
C LEU B 177 12.77 20.83 -19.59
N GLU B 178 13.19 20.97 -20.84
CA GLU B 178 12.32 20.85 -22.03
C GLU B 178 11.89 19.39 -22.23
N ILE B 179 12.77 18.41 -22.04
CA ILE B 179 12.37 16.97 -21.99
C ILE B 179 11.26 16.79 -20.94
N ILE B 180 11.48 17.28 -19.72
CA ILE B 180 10.55 17.08 -18.57
C ILE B 180 9.22 17.77 -18.90
N ARG B 181 9.23 18.99 -19.41
CA ARG B 181 7.99 19.71 -19.77
C ARG B 181 7.19 18.85 -20.75
N LYS B 182 7.77 18.51 -21.90
CA LYS B 182 7.02 17.78 -22.95
C LYS B 182 6.55 16.43 -22.39
N ALA B 183 7.39 15.71 -21.64
CA ALA B 183 6.99 14.41 -21.04
C ALA B 183 5.75 14.61 -20.14
N ILE B 184 5.68 15.69 -19.37
CA ILE B 184 4.59 15.88 -18.39
C ILE B 184 3.33 16.32 -19.13
N ILE B 185 3.45 17.22 -20.10
CA ILE B 185 2.28 17.64 -20.93
C ILE B 185 1.69 16.40 -21.62
N ALA B 186 2.51 15.45 -22.08
CA ALA B 186 2.06 14.27 -22.84
C ALA B 186 1.21 13.35 -21.96
N THR B 187 1.25 13.46 -20.64
CA THR B 187 0.38 12.62 -19.79
C THR B 187 -1.06 13.13 -19.82
N ASP B 188 -1.34 14.26 -20.45
CA ASP B 188 -2.74 14.69 -20.76
C ASP B 188 -3.34 13.66 -21.73
N LEU B 189 -4.22 12.76 -21.27
CA LEU B 189 -4.70 11.65 -22.15
C LEU B 189 -5.40 12.23 -23.40
N ALA B 190 -5.87 13.48 -23.37
CA ALA B 190 -6.53 14.15 -24.51
C ALA B 190 -5.55 14.26 -25.68
N LEU B 191 -4.26 14.48 -25.38
CA LEU B 191 -3.19 14.62 -26.38
C LEU B 191 -2.74 13.24 -26.87
N TYR B 192 -2.94 12.18 -26.10
CA TYR B 192 -2.49 10.82 -26.46
C TYR B 192 -3.02 10.42 -27.85
N PHE B 193 -4.32 10.58 -28.11
CA PHE B 193 -5.00 10.02 -29.32
C PHE B 193 -4.33 10.56 -30.60
N GLY B 194 -4.16 11.87 -30.72
CA GLY B 194 -3.39 12.52 -31.81
C GLY B 194 -1.96 12.01 -31.87
N ASN B 195 -1.30 11.83 -30.71
CA ASN B 195 0.12 11.41 -30.69
C ASN B 195 0.24 9.97 -31.21
N ARG B 196 -0.49 9.02 -30.63
CA ARG B 196 -0.48 7.62 -31.11
C ARG B 196 -0.83 7.54 -32.60
N LYS B 197 -1.82 8.31 -33.07
CA LYS B 197 -2.23 8.25 -34.49
C LYS B 197 -1.04 8.60 -35.39
N GLN B 198 -0.35 9.70 -35.14
CA GLN B 198 0.87 10.10 -35.92
C GLN B 198 1.96 9.05 -35.83
N LEU B 199 2.15 8.41 -34.67
CA LEU B 199 3.27 7.44 -34.49
C LEU B 199 2.94 6.16 -35.26
N GLU B 200 1.69 5.67 -35.16
CA GLU B 200 1.19 4.48 -35.90
C GLU B 200 1.34 4.73 -37.40
N GLU B 201 1.12 5.95 -37.89
CA GLU B 201 1.25 6.25 -39.34
C GLU B 201 2.73 6.27 -39.70
N MET B 202 3.54 7.09 -39.02
CA MET B 202 5.00 7.20 -39.27
C MET B 202 5.64 5.81 -39.23
N TYR B 203 5.26 4.95 -38.31
CA TYR B 203 5.90 3.64 -38.14
C TYR B 203 5.54 2.78 -39.33
N GLN B 204 4.24 2.55 -39.51
CA GLN B 204 3.71 1.53 -40.45
C GLN B 204 4.03 1.88 -41.90
N THR B 205 4.41 3.13 -42.22
CA THR B 205 4.91 3.55 -43.56
C THR B 205 6.45 3.53 -43.60
N GLY B 206 7.12 3.61 -42.45
CA GLY B 206 8.59 3.51 -42.33
C GLY B 206 9.27 4.87 -42.30
N SER B 207 8.53 5.97 -42.17
CA SER B 207 9.09 7.35 -42.05
C SER B 207 9.59 7.65 -40.62
N LEU B 208 9.32 6.79 -39.62
CA LEU B 208 9.69 7.09 -38.21
C LEU B 208 11.22 7.06 -38.08
N ASN B 209 11.77 8.17 -37.63
CA ASN B 209 13.22 8.48 -37.61
C ASN B 209 13.60 8.95 -36.20
N LEU B 210 14.07 8.06 -35.33
CA LEU B 210 14.47 8.39 -33.94
C LEU B 210 15.55 9.48 -33.91
N ASN B 211 16.20 9.80 -35.03
CA ASN B 211 17.18 10.92 -35.08
C ASN B 211 16.47 12.24 -35.33
N ASN B 212 15.18 12.17 -35.64
CA ASN B 212 14.28 13.34 -35.79
C ASN B 212 13.80 13.72 -34.37
N GLN B 213 14.13 14.93 -33.88
CA GLN B 213 13.79 15.38 -32.50
C GLN B 213 12.27 15.36 -32.31
N SER B 214 11.57 15.87 -33.30
CA SER B 214 10.10 15.88 -33.42
C SER B 214 9.55 14.46 -33.22
N HIS B 215 10.23 13.43 -33.74
CA HIS B 215 9.76 12.02 -33.68
C HIS B 215 10.13 11.44 -32.32
N ARG B 216 11.28 11.83 -31.76
CA ARG B 216 11.68 11.39 -30.40
C ARG B 216 10.64 11.93 -29.41
N ASP B 217 10.37 13.24 -29.49
CA ASP B 217 9.34 13.90 -28.64
C ASP B 217 8.09 13.01 -28.63
N ARG B 218 7.65 12.56 -29.79
CA ARG B 218 6.39 11.81 -29.92
C ARG B 218 6.55 10.45 -29.24
N VAL B 219 7.66 9.76 -29.49
CA VAL B 219 7.87 8.40 -28.93
C VAL B 219 8.01 8.56 -27.42
N ILE B 220 8.56 9.66 -26.94
CA ILE B 220 8.66 9.87 -25.46
C ILE B 220 7.23 10.08 -24.96
N GLY B 221 6.44 10.91 -25.65
CA GLY B 221 5.03 11.12 -25.30
C GLY B 221 4.30 9.81 -25.09
N LEU B 222 4.45 8.88 -26.03
CA LEU B 222 3.73 7.60 -25.94
C LEU B 222 4.33 6.82 -24.77
N MET B 223 5.63 6.92 -24.57
CA MET B 223 6.25 6.19 -23.43
C MET B 223 5.61 6.68 -22.13
N MET B 224 5.33 7.98 -22.04
CA MET B 224 4.74 8.61 -20.82
C MET B 224 3.29 8.13 -20.66
N THR B 225 2.52 8.01 -21.74
CA THR B 225 1.13 7.51 -21.65
C THR B 225 1.18 6.06 -21.15
N ALA B 226 2.08 5.25 -21.66
CA ALA B 226 2.16 3.80 -21.34
C ALA B 226 2.52 3.62 -19.85
N CYS B 227 3.49 4.38 -19.35
CA CYS B 227 3.83 4.36 -17.90
C CYS B 227 2.66 4.84 -17.04
N ASP B 228 2.04 5.94 -17.46
CA ASP B 228 0.86 6.52 -16.78
C ASP B 228 -0.27 5.49 -16.70
N LEU B 229 -0.46 4.62 -17.71
CA LEU B 229 -1.58 3.64 -17.70
C LEU B 229 -1.12 2.30 -17.16
N CYS B 230 0.08 2.21 -16.60
CA CYS B 230 0.76 0.90 -16.39
C CYS B 230 -0.01 0.03 -15.38
N SER B 231 -0.98 0.60 -14.67
CA SER B 231 -1.87 -0.17 -13.78
C SER B 231 -2.52 -1.34 -14.53
N VAL B 232 -2.81 -1.16 -15.83
CA VAL B 232 -3.54 -2.16 -16.68
C VAL B 232 -2.58 -3.26 -17.14
N THR B 233 -1.27 -3.10 -16.94
CA THR B 233 -0.21 -4.05 -17.38
C THR B 233 0.34 -4.84 -16.19
N LYS B 234 -0.30 -4.74 -15.01
CA LYS B 234 0.13 -5.51 -13.82
C LYS B 234 -0.63 -6.83 -13.90
N LEU B 235 -0.31 -7.77 -13.01
CA LEU B 235 -1.09 -9.02 -12.91
C LEU B 235 -2.48 -8.69 -12.37
N TRP B 236 -3.47 -9.49 -12.77
CA TRP B 236 -4.90 -9.25 -12.49
C TRP B 236 -5.13 -8.78 -11.04
N PRO B 237 -4.65 -9.47 -10.00
CA PRO B 237 -5.04 -9.09 -8.64
C PRO B 237 -4.63 -7.65 -8.27
N VAL B 238 -3.46 -7.19 -8.73
CA VAL B 238 -3.02 -5.77 -8.60
C VAL B 238 -3.94 -4.85 -9.45
N THR B 239 -4.14 -5.18 -10.72
CA THR B 239 -4.97 -4.39 -11.65
C THR B 239 -6.39 -4.24 -11.11
N LYS B 240 -6.94 -5.31 -10.55
CA LYS B 240 -8.32 -5.32 -10.01
C LYS B 240 -8.40 -4.37 -8.80
N LEU B 241 -7.44 -4.46 -7.87
CA LEU B 241 -7.47 -3.61 -6.66
C LEU B 241 -7.15 -2.16 -7.06
N THR B 242 -6.25 -1.93 -8.01
CA THR B 242 -5.96 -0.54 -8.43
C THR B 242 -7.22 0.10 -9.00
N ALA B 243 -8.08 -0.66 -9.65
CA ALA B 243 -9.30 -0.13 -10.29
C ALA B 243 -10.23 0.44 -9.23
N ASN B 244 -10.27 -0.12 -8.01
CA ASN B 244 -11.10 0.45 -6.90
C ASN B 244 -10.61 1.86 -6.57
N ASP B 245 -9.31 2.11 -6.63
CA ASP B 245 -8.72 3.42 -6.29
C ASP B 245 -9.06 4.41 -7.40
N ILE B 246 -8.91 4.00 -8.65
CA ILE B 246 -9.19 4.88 -9.82
C ILE B 246 -10.66 5.32 -9.74
N TYR B 247 -11.57 4.40 -9.42
CA TYR B 247 -13.03 4.66 -9.45
C TYR B 247 -13.46 5.45 -8.20
N ALA B 248 -12.75 5.30 -7.07
CA ALA B 248 -12.98 6.11 -5.87
C ALA B 248 -12.87 7.59 -6.25
N GLU B 249 -11.84 7.97 -7.03
CA GLU B 249 -11.69 9.35 -7.53
C GLU B 249 -12.79 9.68 -8.56
N PHE B 250 -13.08 8.77 -9.49
CA PHE B 250 -14.06 9.05 -10.56
C PHE B 250 -15.39 9.33 -9.89
N TRP B 251 -15.75 8.53 -8.88
CA TRP B 251 -17.05 8.64 -8.18
C TRP B 251 -17.10 9.96 -7.40
N ALA B 252 -16.03 10.32 -6.71
CA ALA B 252 -15.96 11.60 -5.98
C ALA B 252 -16.12 12.76 -6.98
N GLU B 253 -15.51 12.64 -8.16
CA GLU B 253 -15.62 13.69 -9.23
C GLU B 253 -17.06 13.71 -9.71
N GLY B 254 -17.63 12.54 -10.03
CA GLY B 254 -19.08 12.41 -10.33
C GLY B 254 -19.92 13.20 -9.33
N ASP B 255 -19.68 12.96 -8.04
CA ASP B 255 -20.45 13.59 -6.94
C ASP B 255 -20.29 15.12 -7.03
N GLU B 256 -19.09 15.61 -7.38
CA GLU B 256 -18.84 17.08 -7.44
C GLU B 256 -19.48 17.66 -8.71
N MET B 257 -19.56 16.91 -9.79
CA MET B 257 -20.31 17.29 -11.01
C MET B 257 -21.79 17.49 -10.64
N LYS B 258 -22.38 16.49 -9.97
CA LYS B 258 -23.79 16.55 -9.49
C LYS B 258 -23.99 17.78 -8.62
N LYS B 259 -23.04 18.12 -7.74
CA LYS B 259 -23.17 19.31 -6.85
C LYS B 259 -23.13 20.62 -7.68
N LEU B 260 -22.53 20.63 -8.87
CA LEU B 260 -22.58 21.80 -9.79
C LEU B 260 -23.87 21.73 -10.63
N GLY B 261 -24.61 20.64 -10.54
CA GLY B 261 -25.89 20.47 -11.27
C GLY B 261 -25.65 19.96 -12.67
N ILE B 262 -24.60 19.15 -12.85
CA ILE B 262 -24.23 18.51 -14.14
C ILE B 262 -24.29 17.00 -13.94
N GLN B 263 -25.07 16.30 -14.75
CA GLN B 263 -25.07 14.82 -14.75
C GLN B 263 -23.72 14.40 -15.25
N PRO B 264 -22.96 13.62 -14.47
CA PRO B 264 -21.63 13.20 -14.90
C PRO B 264 -21.77 12.08 -15.94
N ILE B 265 -20.73 11.84 -16.72
CA ILE B 265 -20.65 10.62 -17.58
C ILE B 265 -20.75 9.42 -16.65
N PRO B 266 -21.30 8.28 -17.12
CA PRO B 266 -21.61 7.15 -16.24
C PRO B 266 -20.41 6.49 -15.54
N MET B 267 -19.24 6.57 -16.16
CA MET B 267 -17.95 6.10 -15.58
C MET B 267 -17.77 6.72 -14.19
N MET B 268 -18.18 7.98 -14.01
CA MET B 268 -17.98 8.79 -12.78
C MET B 268 -19.22 8.76 -11.88
N ASP B 269 -20.25 8.00 -12.23
CA ASP B 269 -21.54 8.05 -11.50
C ASP B 269 -21.58 6.84 -10.55
N ARG B 270 -21.56 7.08 -9.24
CA ARG B 270 -21.45 5.96 -8.27
C ARG B 270 -22.77 5.18 -8.24
N ASP B 271 -23.87 5.70 -8.80
CA ASP B 271 -25.15 4.94 -8.87
C ASP B 271 -25.06 3.93 -10.02
N LYS B 272 -23.97 3.90 -10.80
CA LYS B 272 -23.84 3.04 -12.00
C LYS B 272 -22.62 2.10 -11.88
N LYS B 273 -22.30 1.63 -10.68
CA LYS B 273 -21.17 0.69 -10.45
C LYS B 273 -21.33 -0.58 -11.31
N ASP B 274 -22.55 -0.93 -11.69
CA ASP B 274 -22.83 -2.19 -12.44
C ASP B 274 -22.31 -2.06 -13.88
N GLU B 275 -22.05 -0.83 -14.38
CA GLU B 275 -21.53 -0.56 -15.76
C GLU B 275 -20.00 -0.49 -15.81
N VAL B 276 -19.31 -0.77 -14.69
CA VAL B 276 -17.82 -0.57 -14.59
C VAL B 276 -17.09 -1.59 -15.47
N PRO B 277 -17.43 -2.90 -15.43
CA PRO B 277 -16.76 -3.87 -16.30
C PRO B 277 -16.85 -3.49 -17.78
N GLN B 278 -18.01 -3.01 -18.23
CA GLN B 278 -18.20 -2.64 -19.66
C GLN B 278 -17.37 -1.39 -19.97
N GLY B 279 -17.29 -0.43 -19.04
CA GLY B 279 -16.48 0.81 -19.15
C GLY B 279 -14.99 0.51 -19.21
N GLN B 280 -14.48 -0.43 -18.41
CA GLN B 280 -13.08 -0.90 -18.47
C GLN B 280 -12.82 -1.58 -19.83
N LEU B 281 -13.67 -2.53 -20.22
CA LEU B 281 -13.64 -3.16 -21.58
C LEU B 281 -13.46 -2.08 -22.67
N GLY B 282 -14.27 -1.03 -22.64
CA GLY B 282 -14.22 0.01 -23.66
C GLY B 282 -12.93 0.78 -23.59
N PHE B 283 -12.44 1.02 -22.37
CA PHE B 283 -11.19 1.78 -22.12
C PHE B 283 -10.00 1.02 -22.71
N TYR B 284 -9.87 -0.28 -22.40
CA TYR B 284 -8.79 -1.16 -22.93
C TYR B 284 -8.82 -1.15 -24.47
N ASN B 285 -10.01 -1.24 -25.09
CA ASN B 285 -10.13 -1.36 -26.56
C ASN B 285 -9.84 -0.01 -27.24
N ALA B 286 -10.24 1.12 -26.64
CA ALA B 286 -10.13 2.48 -27.22
C ALA B 286 -8.78 3.12 -26.87
N VAL B 287 -8.14 2.70 -25.77
CA VAL B 287 -6.95 3.43 -25.24
C VAL B 287 -5.80 2.46 -24.95
N ALA B 288 -5.96 1.55 -23.98
CA ALA B 288 -4.85 0.75 -23.43
C ALA B 288 -4.23 -0.14 -24.51
N ILE B 289 -5.02 -0.96 -25.21
CA ILE B 289 -4.46 -1.95 -26.18
C ILE B 289 -3.74 -1.22 -27.32
N PRO B 290 -4.35 -0.23 -27.99
CA PRO B 290 -3.66 0.52 -29.03
C PRO B 290 -2.39 1.22 -28.53
N CYS B 291 -2.42 1.74 -27.30
CA CYS B 291 -1.23 2.36 -26.67
C CYS B 291 -0.07 1.35 -26.67
N TYR B 292 -0.25 0.18 -26.05
CA TYR B 292 0.84 -0.83 -25.87
C TYR B 292 1.11 -1.55 -27.21
N THR B 293 0.14 -1.56 -28.13
CA THR B 293 0.35 -2.11 -29.49
C THR B 293 1.37 -1.21 -30.18
N THR B 294 1.06 0.08 -30.31
CA THR B 294 1.98 1.01 -31.00
C THR B 294 3.32 0.99 -30.30
N LEU B 295 3.35 0.88 -28.96
CA LEU B 295 4.64 0.95 -28.22
C LEU B 295 5.44 -0.31 -28.54
N THR B 296 4.79 -1.48 -28.59
CA THR B 296 5.47 -2.77 -28.86
C THR B 296 6.08 -2.73 -30.27
N GLN B 297 5.41 -2.08 -31.22
CA GLN B 297 5.92 -1.95 -32.60
C GLN B 297 7.20 -1.11 -32.61
N ILE B 298 7.22 0.00 -31.89
CA ILE B 298 8.37 0.93 -31.98
C ILE B 298 9.50 0.41 -31.07
N LEU B 299 9.14 -0.24 -29.98
CA LEU B 299 10.07 -0.70 -28.92
C LEU B 299 9.70 -2.11 -28.54
N PRO B 300 10.06 -3.09 -29.38
CA PRO B 300 9.66 -4.49 -29.20
C PRO B 300 9.90 -5.11 -27.83
N PRO B 301 10.96 -4.73 -27.07
CA PRO B 301 11.15 -5.23 -25.70
C PRO B 301 10.04 -4.85 -24.69
N THR B 302 9.13 -3.93 -25.05
CA THR B 302 7.96 -3.53 -24.22
C THR B 302 6.79 -4.53 -24.35
N GLU B 303 6.96 -5.57 -25.17
CA GLU B 303 5.98 -6.67 -25.41
C GLU B 303 5.24 -7.02 -24.12
N PRO B 304 5.93 -7.23 -22.97
CA PRO B 304 5.26 -7.77 -21.79
C PRO B 304 4.17 -6.83 -21.24
N LEU B 305 4.24 -5.53 -21.57
CA LEU B 305 3.16 -4.55 -21.25
C LEU B 305 1.89 -4.93 -22.04
N LEU B 306 2.03 -5.15 -23.35
CA LEU B 306 0.88 -5.45 -24.25
C LEU B 306 0.30 -6.82 -23.84
N LYS B 307 1.17 -7.78 -23.53
CA LYS B 307 0.78 -9.15 -23.15
C LYS B 307 -0.11 -9.07 -21.90
N ALA B 308 0.36 -8.34 -20.89
CA ALA B 308 -0.33 -8.20 -19.58
C ALA B 308 -1.64 -7.46 -19.78
N CYS B 309 -1.61 -6.43 -20.63
CA CYS B 309 -2.80 -5.63 -20.95
C CYS B 309 -3.89 -6.53 -21.57
N ARG B 310 -3.51 -7.42 -22.49
CA ARG B 310 -4.45 -8.38 -23.13
CA ARG B 310 -4.40 -8.42 -23.14
C ARG B 310 -4.96 -9.38 -22.09
N ASP B 311 -4.08 -9.90 -21.23
CA ASP B 311 -4.52 -10.80 -20.13
C ASP B 311 -5.60 -10.12 -19.29
N ASN B 312 -5.42 -8.83 -18.96
CA ASN B 312 -6.36 -8.05 -18.12
C ASN B 312 -7.64 -7.75 -18.92
N LEU B 313 -7.55 -7.38 -20.20
CA LEU B 313 -8.75 -7.28 -21.07
C LEU B 313 -9.58 -8.58 -20.95
N SER B 314 -8.91 -9.73 -21.07
CA SER B 314 -9.56 -11.06 -20.96
C SER B 314 -10.23 -11.24 -19.59
N GLN B 315 -9.58 -10.85 -18.50
CA GLN B 315 -10.15 -10.96 -17.13
C GLN B 315 -11.41 -10.09 -17.00
N TRP B 316 -11.43 -8.91 -17.61
CA TRP B 316 -12.63 -8.03 -17.58
C TRP B 316 -13.78 -8.67 -18.37
N GLU B 317 -13.49 -9.40 -19.46
CA GLU B 317 -14.51 -10.11 -20.29
C GLU B 317 -15.13 -11.19 -19.41
N LYS B 318 -14.30 -11.95 -18.69
CA LYS B 318 -14.75 -12.94 -17.67
C LYS B 318 -15.73 -12.28 -16.70
N VAL B 319 -15.38 -11.13 -16.13
CA VAL B 319 -16.27 -10.41 -15.16
C VAL B 319 -17.59 -10.07 -15.87
N ILE B 320 -17.56 -9.58 -17.10
CA ILE B 320 -18.81 -9.16 -17.79
C ILE B 320 -19.74 -10.37 -17.92
N ARG B 321 -19.19 -11.56 -18.17
CA ARG B 321 -19.98 -12.82 -18.38
C ARG B 321 -20.39 -13.37 -17.01
N GLY B 322 -19.64 -13.06 -15.96
CA GLY B 322 -19.93 -13.50 -14.58
C GLY B 322 -19.14 -14.76 -14.22
N GLU B 323 -18.07 -15.06 -14.95
CA GLU B 323 -17.17 -16.21 -14.67
C GLU B 323 -16.15 -15.81 -13.59
N GLU B 324 -16.19 -14.58 -13.08
CA GLU B 324 -15.35 -14.11 -11.93
C GLU B 324 -16.02 -12.92 -11.22
N THR B 325 -15.89 -12.86 -9.88
CA THR B 325 -16.23 -11.69 -9.01
C THR B 325 -15.16 -10.60 -9.17
N GLY C 12 5.90 13.20 43.84
CA GLY C 12 4.68 13.22 42.97
C GLY C 12 3.47 13.77 43.71
N LEU C 13 3.30 15.11 43.72
CA LEU C 13 2.19 15.82 44.42
C LEU C 13 0.93 15.87 43.53
N MET C 14 1.10 15.94 42.20
CA MET C 14 -0.01 15.92 41.20
C MET C 14 -0.48 14.48 40.99
N GLN C 15 -1.76 14.21 41.23
CA GLN C 15 -2.43 12.90 40.99
C GLN C 15 -3.48 13.07 39.90
N PHE C 16 -3.66 12.08 39.04
CA PHE C 16 -4.72 12.10 38.00
C PHE C 16 -6.00 11.60 38.65
N THR C 17 -7.13 12.17 38.25
CA THR C 17 -8.48 11.69 38.62
C THR C 17 -9.27 11.47 37.35
N LEU C 18 -10.27 10.60 37.43
CA LEU C 18 -11.15 10.25 36.30
C LEU C 18 -12.56 10.66 36.73
N PRO C 19 -13.39 11.16 35.80
CA PRO C 19 -14.81 11.29 36.07
C PRO C 19 -15.27 10.05 36.80
N VAL C 20 -16.32 10.19 37.61
CA VAL C 20 -16.92 9.10 38.44
C VAL C 20 -17.06 7.81 37.62
N ARG C 21 -17.74 7.83 36.47
CA ARG C 21 -18.04 6.55 35.74
C ARG C 21 -16.70 5.88 35.39
N LEU C 22 -15.70 6.63 34.90
CA LEU C 22 -14.39 6.06 34.47
C LEU C 22 -13.69 5.48 35.71
N CYS C 23 -13.69 6.23 36.82
CA CYS C 23 -13.02 5.89 38.10
C CYS C 23 -13.51 4.52 38.59
N LYS C 24 -14.82 4.29 38.53
CA LYS C 24 -15.48 3.04 38.96
C LYS C 24 -15.25 1.94 37.92
N GLU C 25 -15.48 2.24 36.64
CA GLU C 25 -15.50 1.25 35.53
C GLU C 25 -14.07 0.79 35.19
N ILE C 26 -13.04 1.62 35.39
CA ILE C 26 -11.66 1.29 34.92
C ILE C 26 -11.13 0.07 35.69
N GLU C 27 -11.65 -0.15 36.90
CA GLU C 27 -11.22 -1.25 37.79
C GLU C 27 -11.71 -2.57 37.22
N LEU C 28 -12.71 -2.55 36.33
CA LEU C 28 -13.30 -3.75 35.69
C LEU C 28 -12.48 -4.23 34.48
N PHE C 29 -12.36 -5.55 34.33
CA PHE C 29 -11.63 -6.18 33.21
C PHE C 29 -12.20 -5.73 31.87
N HIS C 30 -13.51 -5.51 31.76
CA HIS C 30 -14.21 -5.34 30.46
C HIS C 30 -14.28 -3.84 30.10
N PHE C 31 -13.75 -2.99 30.94
CA PHE C 31 -13.72 -1.53 30.67
C PHE C 31 -13.28 -1.29 29.23
N ASP C 32 -13.94 -0.36 28.54
CA ASP C 32 -13.59 0.20 27.21
C ASP C 32 -13.04 1.61 27.43
N ILE C 33 -11.89 1.99 26.85
CA ILE C 33 -11.29 3.33 27.16
C ILE C 33 -12.06 4.46 26.43
N GLY C 34 -13.02 4.15 25.56
CA GLY C 34 -13.85 5.17 24.89
C GLY C 34 -13.14 5.89 23.73
N PRO C 35 -13.88 6.70 22.95
CA PRO C 35 -13.39 7.26 21.69
C PRO C 35 -12.70 8.64 21.75
N PHE C 36 -12.42 9.16 22.94
CA PHE C 36 -11.70 10.44 23.12
C PHE C 36 -10.20 10.20 23.31
N GLU C 37 -9.44 10.22 22.23
CA GLU C 37 -7.96 10.03 22.21
C GLU C 37 -7.27 10.88 23.30
N ASN C 38 -7.67 12.14 23.41
CA ASN C 38 -7.01 13.13 24.31
C ASN C 38 -7.10 12.70 25.77
N MET C 39 -7.97 11.76 26.12
CA MET C 39 -8.11 11.25 27.51
C MET C 39 -7.24 10.01 27.81
N TRP C 40 -6.71 9.34 26.80
CA TRP C 40 -6.01 8.03 26.94
C TRP C 40 -4.69 8.22 27.66
N PRO C 41 -3.93 9.30 27.40
CA PRO C 41 -2.71 9.54 28.14
C PRO C 41 -3.00 9.63 29.64
N GLY C 42 -3.98 10.46 30.02
CA GLY C 42 -4.41 10.63 31.42
C GLY C 42 -4.81 9.30 32.03
N ILE C 43 -5.59 8.51 31.31
CA ILE C 43 -6.07 7.15 31.75
C ILE C 43 -4.85 6.27 32.04
N PHE C 44 -3.83 6.31 31.18
CA PHE C 44 -2.58 5.52 31.37
C PHE C 44 -1.84 5.96 32.65
N VAL C 45 -1.64 7.25 32.84
CA VAL C 45 -0.92 7.78 34.04
C VAL C 45 -1.72 7.39 35.29
N TYR C 46 -3.04 7.51 35.24
CA TYR C 46 -3.90 7.08 36.37
C TYR C 46 -3.54 5.64 36.75
N MET C 47 -3.53 4.74 35.76
CA MET C 47 -3.23 3.31 35.99
C MET C 47 -1.80 3.18 36.52
N VAL C 48 -0.86 3.98 36.04
CA VAL C 48 0.55 3.91 36.52
C VAL C 48 0.62 4.38 37.98
N HIS C 49 -0.05 5.47 38.36
CA HIS C 49 -0.04 6.00 39.76
C HIS C 49 -0.67 4.99 40.73
N ARG C 50 -1.75 4.32 40.33
CA ARG C 50 -2.50 3.41 41.22
C ARG C 50 -1.84 2.04 41.32
N SER C 51 -1.10 1.59 40.30
CA SER C 51 -0.62 0.19 40.20
C SER C 51 0.88 0.13 40.54
N CYS C 52 1.57 1.24 40.39
CA CYS C 52 3.02 1.37 40.60
C CYS C 52 3.25 2.24 41.84
N GLY C 53 2.64 3.43 41.87
CA GLY C 53 2.84 4.51 42.86
C GLY C 53 3.12 5.85 42.17
N THR C 54 2.80 6.95 42.83
CA THR C 54 2.89 8.35 42.31
C THR C 54 4.35 8.77 42.07
N SER C 55 5.30 8.02 42.62
CA SER C 55 6.75 8.31 42.63
C SER C 55 7.52 7.24 41.84
N CYS C 56 6.83 6.37 41.10
CA CYS C 56 7.47 5.33 40.26
C CYS C 56 8.27 5.99 39.13
N PHE C 57 7.72 7.05 38.53
CA PHE C 57 8.27 7.79 37.38
C PHE C 57 8.10 9.29 37.61
N GLU C 58 9.03 10.10 37.13
CA GLU C 58 8.93 11.58 37.17
C GLU C 58 7.87 11.98 36.13
N LEU C 59 6.79 12.65 36.53
CA LEU C 59 5.64 12.96 35.63
C LEU C 59 6.08 13.63 34.32
N GLU C 60 6.88 14.71 34.35
CA GLU C 60 7.39 15.43 33.13
C GLU C 60 7.96 14.40 32.14
N LYS C 61 8.82 13.49 32.62
CA LYS C 61 9.52 12.45 31.81
C LYS C 61 8.50 11.45 31.27
N LEU C 62 7.60 10.98 32.14
CA LEU C 62 6.55 10.00 31.78
C LEU C 62 5.69 10.58 30.66
N CME C 63 5.25 11.82 30.80
CA CME C 63 4.36 12.53 29.84
CB CME C 63 3.81 13.85 30.39
SG CME C 63 2.26 13.65 31.33
SD CME C 63 0.93 12.99 29.90
CE CME C 63 -0.68 13.66 30.42
CZ CME C 63 -1.38 14.33 29.28
OH CME C 63 -2.78 14.29 29.43
C CME C 63 5.07 12.66 28.49
O CME C 63 4.40 12.36 27.48
N ARG C 64 6.34 13.04 28.42
CA ARG C 64 6.93 13.20 27.07
C ARG C 64 7.30 11.83 26.49
N PHE C 65 7.54 10.80 27.32
CA PHE C 65 7.66 9.39 26.86
C PHE C 65 6.36 8.90 26.20
N ILE C 66 5.26 9.05 26.91
CA ILE C 66 3.88 8.71 26.42
C ILE C 66 3.67 9.37 25.05
N MET C 67 4.01 10.63 24.90
CA MET C 67 3.59 11.37 23.69
C MET C 67 4.53 11.00 22.54
N SER C 68 5.75 10.55 22.84
CA SER C 68 6.70 10.03 21.83
C SER C 68 6.22 8.65 21.33
N VAL C 69 5.76 7.82 22.27
CA VAL C 69 5.18 6.49 21.95
C VAL C 69 3.94 6.68 21.06
N LYS C 70 2.95 7.49 21.45
CA LYS C 70 1.73 7.77 20.62
C LYS C 70 2.14 8.19 19.20
N LYS C 71 3.08 9.13 19.12
CA LYS C 71 3.63 9.68 17.86
C LYS C 71 4.12 8.54 16.96
N ASN C 72 4.56 7.41 17.53
CA ASN C 72 5.21 6.31 16.75
C ASN C 72 4.29 5.11 16.60
N TYR C 73 3.02 5.22 17.04
CA TYR C 73 1.91 4.34 16.55
C TYR C 73 1.36 4.94 15.24
N ARG C 74 0.97 4.09 14.30
CA ARG C 74 0.45 4.55 12.98
C ARG C 74 -1.08 4.51 12.96
N ARG C 75 -1.64 5.16 11.95
CA ARG C 75 -3.11 5.29 11.76
C ARG C 75 -3.57 4.08 10.93
N VAL C 76 -3.65 2.96 11.61
CA VAL C 76 -4.12 1.65 11.08
C VAL C 76 -5.43 1.33 11.81
N PRO C 77 -6.24 0.41 11.29
CA PRO C 77 -7.55 0.15 11.91
C PRO C 77 -7.50 -0.45 13.33
N TYR C 78 -6.54 -1.32 13.61
CA TYR C 78 -6.54 -2.10 14.87
C TYR C 78 -5.26 -1.85 15.65
N HIS C 79 -4.08 -2.06 15.04
CA HIS C 79 -2.77 -2.03 15.73
C HIS C 79 -2.33 -0.59 15.97
N ASN C 80 -3.16 0.16 16.69
CA ASN C 80 -3.04 1.64 16.80
C ASN C 80 -2.80 2.02 18.26
N TRP C 81 -2.66 3.32 18.50
CA TRP C 81 -2.55 3.90 19.86
C TRP C 81 -3.63 3.32 20.80
N LYS C 82 -4.86 3.21 20.33
CA LYS C 82 -6.01 2.75 21.17
C LYS C 82 -5.76 1.33 21.66
N HIS C 83 -5.29 0.44 20.79
CA HIS C 83 -4.92 -0.96 21.12
C HIS C 83 -3.86 -0.95 22.23
N ALA C 84 -2.83 -0.13 22.09
CA ALA C 84 -1.76 0.00 23.09
C ALA C 84 -2.32 0.35 24.48
N VAL C 85 -3.18 1.34 24.59
CA VAL C 85 -3.69 1.76 25.93
C VAL C 85 -4.64 0.67 26.43
N THR C 86 -5.41 0.07 25.54
CA THR C 86 -6.39 -1.01 25.87
C THR C 86 -5.63 -2.21 26.45
N VAL C 87 -4.48 -2.57 25.88
CA VAL C 87 -3.66 -3.70 26.37
C VAL C 87 -3.04 -3.30 27.72
N ALA C 88 -2.50 -2.09 27.85
CA ALA C 88 -2.04 -1.56 29.16
C ALA C 88 -3.14 -1.73 30.23
N HIS C 89 -4.39 -1.40 29.91
CA HIS C 89 -5.50 -1.40 30.90
C HIS C 89 -5.78 -2.83 31.39
N CYS C 90 -5.76 -3.81 30.50
CA CYS C 90 -5.94 -5.24 30.87
C CYS C 90 -4.82 -5.62 31.86
N MET C 91 -3.58 -5.31 31.51
CA MET C 91 -2.43 -5.54 32.41
C MET C 91 -2.67 -4.81 33.73
N TYR C 92 -3.19 -3.58 33.71
CA TYR C 92 -3.54 -2.83 34.93
C TYR C 92 -4.52 -3.66 35.78
N ALA C 93 -5.57 -4.16 35.16
CA ALA C 93 -6.59 -4.99 35.83
C ALA C 93 -5.95 -6.26 36.41
N ILE C 94 -5.03 -6.90 35.69
CA ILE C 94 -4.44 -8.18 36.17
C ILE C 94 -3.62 -7.87 37.43
N LEU C 95 -2.83 -6.79 37.40
CA LEU C 95 -1.91 -6.37 38.48
C LEU C 95 -2.69 -5.93 39.73
N GLN C 96 -3.77 -5.15 39.59
CA GLN C 96 -4.54 -4.66 40.78
C GLN C 96 -5.24 -5.84 41.47
N ASN C 97 -5.65 -6.89 40.76
CA ASN C 97 -6.38 -8.06 41.33
C ASN C 97 -5.39 -9.14 41.78
N ASN C 98 -4.08 -8.91 41.65
CA ASN C 98 -3.02 -9.88 41.99
C ASN C 98 -1.84 -9.12 42.59
N HIS C 99 -2.06 -8.12 43.44
CA HIS C 99 -1.03 -7.08 43.72
C HIS C 99 0.10 -7.67 44.55
N THR C 100 -0.13 -8.78 45.24
CA THR C 100 0.89 -9.36 46.13
C THR C 100 1.93 -10.11 45.32
N LEU C 101 1.62 -10.52 44.08
CA LEU C 101 2.46 -11.51 43.34
C LEU C 101 3.61 -10.83 42.57
N PHE C 102 3.61 -9.51 42.36
CA PHE C 102 4.59 -8.89 41.44
C PHE C 102 5.47 -7.86 42.16
N THR C 103 6.75 -7.85 41.78
CA THR C 103 7.82 -6.93 42.26
C THR C 103 7.50 -5.50 41.80
N ASP C 104 8.23 -4.52 42.33
CA ASP C 104 8.12 -3.10 41.94
C ASP C 104 8.59 -2.93 40.47
N LEU C 105 9.71 -3.54 40.13
CA LEU C 105 10.30 -3.47 38.77
C LEU C 105 9.27 -4.04 37.79
N GLU C 106 8.68 -5.17 38.12
CA GLU C 106 7.64 -5.82 37.28
C GLU C 106 6.48 -4.85 37.06
N ARG C 107 6.01 -4.18 38.11
CA ARG C 107 4.86 -3.27 38.00
C ARG C 107 5.21 -2.15 37.00
N LYS C 108 6.30 -1.44 37.26
CA LYS C 108 6.93 -0.43 36.35
C LYS C 108 7.01 -0.98 34.91
N GLY C 109 7.68 -2.12 34.74
CA GLY C 109 8.04 -2.72 33.43
C GLY C 109 6.83 -3.06 32.57
N LEU C 110 5.78 -3.68 33.14
CA LEU C 110 4.75 -4.37 32.34
C LEU C 110 3.81 -3.33 31.70
N LEU C 111 3.44 -2.27 32.41
CA LEU C 111 2.51 -1.26 31.85
C LEU C 111 3.21 -0.54 30.70
N ILE C 112 4.50 -0.25 30.86
CA ILE C 112 5.33 0.35 29.76
C ILE C 112 5.42 -0.63 28.58
N ALA C 113 5.76 -1.89 28.83
CA ALA C 113 5.84 -2.91 27.76
C ALA C 113 4.52 -2.96 26.98
N CYS C 114 3.38 -3.02 27.66
CA CYS C 114 2.04 -3.10 27.03
C CYS C 114 1.82 -1.83 26.20
N LEU C 115 2.15 -0.66 26.74
CA LEU C 115 1.99 0.61 25.97
C LEU C 115 2.86 0.54 24.72
N CYS C 116 4.01 -0.14 24.78
CA CYS C 116 5.02 -0.07 23.70
C CYS C 116 4.95 -1.28 22.76
N HIS C 117 4.12 -2.29 23.04
CA HIS C 117 4.32 -3.68 22.53
C HIS C 117 4.08 -3.74 21.03
N ASP C 118 3.35 -2.78 20.45
CA ASP C 118 3.05 -2.76 19.00
C ASP C 118 3.58 -1.47 18.35
N LEU C 119 4.67 -0.90 18.85
CA LEU C 119 5.24 0.36 18.33
C LEU C 119 5.59 0.22 16.84
N ASP C 120 5.08 1.17 16.06
CA ASP C 120 5.40 1.34 14.62
C ASP C 120 4.86 0.14 13.86
N HIS C 121 3.77 -0.47 14.32
CA HIS C 121 3.11 -1.58 13.60
C HIS C 121 2.49 -1.02 12.33
N ARG C 122 2.55 -1.76 11.23
CA ARG C 122 2.08 -1.20 9.94
CA ARG C 122 2.16 -1.29 9.87
C ARG C 122 0.82 -1.94 9.48
N GLY C 123 0.25 -2.77 10.35
CA GLY C 123 -0.97 -3.55 10.08
C GLY C 123 -0.69 -4.88 9.39
N PHE C 124 0.56 -5.30 9.27
CA PHE C 124 0.90 -6.57 8.59
C PHE C 124 1.59 -7.53 9.56
N SER C 125 1.29 -8.80 9.37
CA SER C 125 1.80 -9.92 10.19
C SER C 125 3.25 -10.19 9.83
N ASN C 126 3.92 -10.98 10.66
CA ASN C 126 5.31 -11.45 10.45
C ASN C 126 5.36 -12.24 9.14
N SER C 127 4.31 -13.02 8.83
CA SER C 127 4.22 -13.82 7.58
C SER C 127 4.36 -12.90 6.37
N TYR C 128 3.54 -11.85 6.30
CA TYR C 128 3.57 -10.92 5.16
C TYR C 128 4.97 -10.30 5.03
N LEU C 129 5.61 -9.85 6.12
CA LEU C 129 6.96 -9.25 5.99
C LEU C 129 7.90 -10.32 5.45
N GLN C 130 7.72 -11.57 5.86
CA GLN C 130 8.65 -12.64 5.44
C GLN C 130 8.48 -12.81 3.93
N LYS C 131 7.25 -13.02 3.50
CA LYS C 131 6.90 -13.31 2.08
C LYS C 131 7.22 -12.08 1.22
N PHE C 132 6.98 -10.87 1.72
CA PHE C 132 7.35 -9.59 1.05
C PHE C 132 8.87 -9.46 0.93
N ASP C 133 9.63 -10.08 1.84
CA ASP C 133 11.10 -9.91 1.98
C ASP C 133 11.40 -8.49 2.48
N HIS C 134 10.65 -8.04 3.49
CA HIS C 134 10.87 -6.73 4.16
C HIS C 134 12.26 -6.75 4.79
N PRO C 135 12.99 -5.62 4.77
CA PRO C 135 14.29 -5.55 5.45
C PRO C 135 14.26 -6.06 6.90
N LEU C 136 13.25 -5.67 7.69
CA LEU C 136 13.09 -6.13 9.10
C LEU C 136 13.18 -7.67 9.17
N ALA C 137 12.73 -8.39 8.14
CA ALA C 137 12.73 -9.87 8.13
C ALA C 137 14.16 -10.41 7.97
N ALA C 138 15.08 -9.64 7.38
CA ALA C 138 16.55 -9.94 7.35
C ALA C 138 17.14 -9.73 8.75
N LEU C 139 16.92 -8.55 9.31
CA LEU C 139 17.44 -8.08 10.63
C LEU C 139 16.98 -9.02 11.77
N TYR C 140 15.72 -9.46 11.75
CA TYR C 140 15.12 -10.30 12.82
C TYR C 140 14.40 -11.48 12.19
N SER C 141 15.03 -12.65 12.13
CA SER C 141 14.51 -13.82 11.36
C SER C 141 13.21 -14.31 11.98
N THR C 142 13.06 -14.28 13.31
CA THR C 142 11.80 -14.71 13.99
C THR C 142 11.24 -13.56 14.86
N SER C 143 9.98 -13.64 15.28
CA SER C 143 9.32 -12.57 16.07
C SER C 143 9.70 -11.18 15.48
N THR C 144 9.62 -11.03 14.17
CA THR C 144 10.19 -9.88 13.41
C THR C 144 9.66 -8.53 13.93
N MET C 145 8.34 -8.34 13.88
CA MET C 145 7.67 -7.10 14.32
C MET C 145 8.01 -6.88 15.79
N GLU C 146 8.05 -7.96 16.58
CA GLU C 146 8.14 -7.88 18.06
C GLU C 146 9.54 -7.40 18.42
N GLN C 147 10.55 -7.95 17.76
CA GLN C 147 11.93 -7.44 17.90
C GLN C 147 11.99 -5.96 17.46
N HIS C 148 11.24 -5.56 16.42
CA HIS C 148 11.18 -4.13 16.01
C HIS C 148 10.54 -3.29 17.12
N HIS C 149 9.47 -3.81 17.75
CA HIS C 149 8.68 -3.06 18.76
C HIS C 149 9.60 -2.75 19.93
N PHE C 150 10.33 -3.75 20.42
CA PHE C 150 11.27 -3.55 21.53
C PHE C 150 12.36 -2.57 21.10
N SER C 151 12.86 -2.73 19.89
CA SER C 151 13.90 -1.83 19.34
C SER C 151 13.39 -0.38 19.30
N GLN C 152 12.15 -0.14 18.83
CA GLN C 152 11.53 1.21 18.80
C GLN C 152 11.41 1.74 20.24
N THR C 153 11.07 0.87 21.19
CA THR C 153 10.94 1.20 22.63
C THR C 153 12.27 1.74 23.17
N VAL C 154 13.38 1.03 22.91
CA VAL C 154 14.74 1.45 23.34
C VAL C 154 15.08 2.80 22.68
N SER C 155 14.87 2.97 21.38
CA SER C 155 15.03 4.27 20.67
C SER C 155 14.41 5.41 21.49
N ILE C 156 13.13 5.28 21.87
CA ILE C 156 12.34 6.32 22.58
C ILE C 156 12.97 6.59 23.97
N LEU C 157 13.31 5.53 24.71
CA LEU C 157 13.92 5.68 26.06
C LEU C 157 15.23 6.46 26.01
N GLN C 158 15.91 6.47 24.85
CA GLN C 158 17.26 7.08 24.64
C GLN C 158 17.16 8.50 24.04
N LEU C 159 15.95 8.94 23.64
CA LEU C 159 15.66 10.36 23.31
C LEU C 159 15.96 11.22 24.55
N GLU C 160 16.40 12.46 24.35
CA GLU C 160 16.73 13.42 25.43
C GLU C 160 15.45 13.65 26.23
N GLY C 161 15.51 13.56 27.57
CA GLY C 161 14.41 13.81 28.51
C GLY C 161 13.40 12.66 28.57
N HIS C 162 13.60 11.58 27.82
CA HIS C 162 12.61 10.46 27.72
C HIS C 162 12.97 9.29 28.63
N ASN C 163 14.08 9.33 29.37
CA ASN C 163 14.54 8.13 30.11
C ASN C 163 13.82 8.09 31.45
N ILE C 164 12.57 7.62 31.41
CA ILE C 164 11.69 7.43 32.60
C ILE C 164 12.31 6.44 33.62
N PHE C 165 13.40 5.74 33.32
CA PHE C 165 14.01 4.80 34.30
C PHE C 165 15.35 5.34 34.81
N SER C 166 15.56 6.65 34.82
CA SER C 166 16.88 7.26 35.15
C SER C 166 17.22 7.09 36.64
N THR C 167 16.23 7.07 37.54
CA THR C 167 16.43 6.90 39.01
C THR C 167 16.89 5.47 39.37
N LEU C 168 16.69 4.49 38.48
CA LEU C 168 17.03 3.07 38.75
C LEU C 168 18.54 2.92 38.76
N SER C 169 19.09 2.06 39.62
CA SER C 169 20.49 1.58 39.56
C SER C 169 20.71 0.85 38.23
N SER C 170 21.97 0.66 37.84
CA SER C 170 22.39 -0.01 36.58
C SER C 170 21.72 -1.39 36.51
N SER C 171 21.66 -2.08 37.64
CA SER C 171 21.22 -3.50 37.74
C SER C 171 19.72 -3.55 37.47
N GLU C 172 18.98 -2.73 38.20
CA GLU C 172 17.52 -2.56 38.08
C GLU C 172 17.16 -2.11 36.66
N TYR C 173 17.95 -1.23 36.07
CA TYR C 173 17.77 -0.74 34.69
C TYR C 173 17.87 -1.92 33.72
N GLU C 174 18.92 -2.72 33.86
CA GLU C 174 19.18 -3.95 33.06
C GLU C 174 17.97 -4.89 33.22
N GLN C 175 17.46 -5.04 34.43
CA GLN C 175 16.35 -5.98 34.72
C GLN C 175 15.05 -5.49 34.09
N VAL C 176 14.70 -4.22 34.24
CA VAL C 176 13.37 -3.71 33.79
C VAL C 176 13.38 -3.76 32.26
N LEU C 177 14.54 -3.53 31.65
CA LEU C 177 14.67 -3.56 30.17
C LEU C 177 14.52 -5.01 29.69
N GLU C 178 15.01 -5.96 30.46
CA GLU C 178 14.87 -7.42 30.18
C GLU C 178 13.42 -7.87 30.44
N ILE C 179 12.79 -7.38 31.51
CA ILE C 179 11.34 -7.63 31.73
C ILE C 179 10.58 -7.19 30.48
N ILE C 180 10.89 -5.99 29.96
CA ILE C 180 10.14 -5.35 28.84
C ILE C 180 10.41 -6.13 27.56
N ARG C 181 11.65 -6.48 27.30
CA ARG C 181 12.02 -7.24 26.09
C ARG C 181 11.24 -8.56 26.08
N LYS C 182 11.38 -9.38 27.11
CA LYS C 182 10.73 -10.71 27.17
C LYS C 182 9.22 -10.54 26.99
N ALA C 183 8.60 -9.56 27.65
CA ALA C 183 7.15 -9.30 27.62
C ALA C 183 6.70 -8.96 26.18
N ILE C 184 7.47 -8.14 25.46
CA ILE C 184 7.12 -7.72 24.07
C ILE C 184 7.34 -8.89 23.10
N ILE C 185 8.45 -9.60 23.22
CA ILE C 185 8.68 -10.82 22.39
C ILE C 185 7.51 -11.78 22.64
N ALA C 186 7.00 -11.88 23.88
CA ALA C 186 5.94 -12.88 24.22
C ALA C 186 4.65 -12.59 23.43
N THR C 187 4.42 -11.34 22.99
CA THR C 187 3.19 -10.95 22.23
C THR C 187 3.22 -11.55 20.83
N ASP C 188 4.32 -12.15 20.42
CA ASP C 188 4.34 -12.95 19.17
C ASP C 188 3.52 -14.23 19.39
N LEU C 189 2.37 -14.33 18.76
CA LEU C 189 1.43 -15.45 18.95
C LEU C 189 2.10 -16.78 18.59
N ALA C 190 3.07 -16.79 17.69
CA ALA C 190 3.78 -18.03 17.30
C ALA C 190 4.42 -18.65 18.55
N LEU C 191 4.84 -17.83 19.51
CA LEU C 191 5.51 -18.30 20.75
C LEU C 191 4.48 -18.70 21.79
N TYR C 192 3.25 -18.17 21.71
CA TYR C 192 2.20 -18.39 22.73
C TYR C 192 1.93 -19.90 22.91
N PHE C 193 1.76 -20.66 21.84
CA PHE C 193 1.36 -22.10 21.89
C PHE C 193 2.36 -22.91 22.74
N GLY C 194 3.65 -22.79 22.42
CA GLY C 194 4.77 -23.36 23.20
C GLY C 194 4.75 -22.90 24.65
N ASN C 195 4.50 -21.62 24.87
CA ASN C 195 4.57 -21.01 26.21
C ASN C 195 3.46 -21.64 27.06
N ARG C 196 2.24 -21.65 26.52
CA ARG C 196 1.04 -22.08 27.28
C ARG C 196 1.14 -23.57 27.59
N LYS C 197 1.58 -24.39 26.62
CA LYS C 197 1.73 -25.85 26.83
C LYS C 197 2.74 -26.08 27.97
N GLN C 198 3.93 -25.48 27.92
CA GLN C 198 4.95 -25.63 29.00
C GLN C 198 4.33 -25.19 30.33
N LEU C 199 3.62 -24.06 30.35
CA LEU C 199 3.03 -23.49 31.58
C LEU C 199 1.97 -24.45 32.12
N GLU C 200 1.18 -25.06 31.25
CA GLU C 200 0.09 -26.00 31.63
C GLU C 200 0.72 -27.24 32.30
N GLU C 201 1.76 -27.83 31.72
CA GLU C 201 2.45 -29.00 32.33
C GLU C 201 2.99 -28.59 33.71
N MET C 202 3.53 -27.39 33.85
CA MET C 202 4.19 -26.98 35.12
C MET C 202 3.12 -26.88 36.21
N TYR C 203 2.00 -26.24 35.87
CA TYR C 203 0.85 -26.04 36.78
C TYR C 203 0.29 -27.41 37.18
N GLN C 204 -0.01 -28.28 36.21
CA GLN C 204 -0.71 -29.56 36.46
C GLN C 204 0.19 -30.51 37.28
N THR C 205 1.52 -30.46 37.14
CA THR C 205 2.48 -31.33 37.88
C THR C 205 2.90 -30.66 39.19
N GLY C 206 2.43 -29.45 39.47
CA GLY C 206 2.70 -28.73 40.73
C GLY C 206 4.13 -28.22 40.79
N SER C 207 4.89 -28.31 39.69
CA SER C 207 6.30 -27.86 39.62
C SER C 207 6.37 -26.35 39.40
N LEU C 208 5.26 -25.70 39.01
CA LEU C 208 5.22 -24.22 38.77
C LEU C 208 5.59 -23.50 40.06
N ASN C 209 6.48 -22.53 39.99
CA ASN C 209 7.14 -21.93 41.19
C ASN C 209 7.50 -20.48 40.86
N LEU C 210 6.75 -19.51 41.39
CA LEU C 210 6.92 -18.06 41.05
C LEU C 210 8.26 -17.53 41.58
N ASN C 211 9.04 -18.31 42.34
CA ASN C 211 10.39 -17.88 42.80
C ASN C 211 11.44 -18.31 41.76
N ASN C 212 11.07 -19.11 40.77
CA ASN C 212 11.96 -19.46 39.65
C ASN C 212 11.75 -18.43 38.53
N GLN C 213 12.79 -17.69 38.14
CA GLN C 213 12.70 -16.55 37.18
C GLN C 213 12.23 -17.04 35.81
N SER C 214 12.67 -18.22 35.35
CA SER C 214 12.24 -18.75 34.02
C SER C 214 10.72 -19.06 34.06
N HIS C 215 10.20 -19.52 35.20
CA HIS C 215 8.75 -19.70 35.43
C HIS C 215 8.05 -18.34 35.45
N ARG C 216 8.62 -17.34 36.12
CA ARG C 216 7.96 -16.01 36.20
C ARG C 216 7.84 -15.43 34.79
N ASP C 217 8.88 -15.58 33.98
CA ASP C 217 8.94 -15.11 32.58
C ASP C 217 7.81 -15.77 31.79
N ARG C 218 7.59 -17.04 32.02
CA ARG C 218 6.56 -17.81 31.28
C ARG C 218 5.17 -17.26 31.64
N VAL C 219 4.93 -17.02 32.92
CA VAL C 219 3.64 -16.50 33.45
C VAL C 219 3.43 -15.11 32.88
N ILE C 220 4.48 -14.28 32.91
CA ILE C 220 4.39 -12.88 32.41
C ILE C 220 4.06 -12.95 30.92
N GLY C 221 4.67 -13.90 30.19
CA GLY C 221 4.41 -14.05 28.75
C GLY C 221 2.97 -14.37 28.44
N LEU C 222 2.37 -15.21 29.27
CA LEU C 222 0.95 -15.59 29.11
C LEU C 222 0.07 -14.39 29.43
N MET C 223 0.39 -13.68 30.51
CA MET C 223 -0.29 -12.41 30.88
C MET C 223 -0.26 -11.45 29.68
N MET C 224 0.85 -11.40 28.93
CA MET C 224 1.02 -10.47 27.78
C MET C 224 0.10 -10.93 26.63
N THR C 225 0.06 -12.24 26.37
CA THR C 225 -0.88 -12.80 25.37
C THR C 225 -2.31 -12.41 25.77
N ALA C 226 -2.67 -12.65 27.03
CA ALA C 226 -4.03 -12.44 27.54
C ALA C 226 -4.35 -10.96 27.35
N CYS C 227 -3.43 -10.06 27.70
CA CYS C 227 -3.65 -8.60 27.53
C CYS C 227 -3.77 -8.26 26.04
N ASP C 228 -2.97 -8.90 25.19
CA ASP C 228 -3.01 -8.62 23.74
C ASP C 228 -4.37 -9.00 23.13
N LEU C 229 -4.98 -10.09 23.60
CA LEU C 229 -6.23 -10.62 22.99
C LEU C 229 -7.46 -10.07 23.70
N CYS C 230 -7.32 -9.08 24.59
CA CYS C 230 -8.41 -8.70 25.53
C CYS C 230 -9.63 -8.15 24.77
N SER C 231 -9.57 -7.86 23.48
CA SER C 231 -10.76 -7.43 22.70
C SER C 231 -11.84 -8.52 22.74
N VAL C 232 -11.45 -9.80 22.88
CA VAL C 232 -12.38 -10.97 22.93
C VAL C 232 -13.03 -11.09 24.32
N THR C 233 -12.58 -10.29 25.30
CA THR C 233 -13.04 -10.37 26.71
C THR C 233 -13.86 -9.12 27.08
N LYS C 234 -14.21 -8.31 26.09
CA LYS C 234 -15.12 -7.16 26.27
C LYS C 234 -16.58 -7.62 26.18
N LEU C 235 -17.50 -6.72 26.50
CA LEU C 235 -18.94 -6.91 26.24
C LEU C 235 -19.12 -6.99 24.72
N TRP C 236 -20.16 -7.70 24.30
CA TRP C 236 -20.35 -8.13 22.89
C TRP C 236 -20.29 -6.95 21.91
N PRO C 237 -20.98 -5.82 22.17
CA PRO C 237 -20.95 -4.70 21.24
C PRO C 237 -19.53 -4.15 20.98
N VAL C 238 -18.68 -4.16 22.00
CA VAL C 238 -17.25 -3.74 21.86
C VAL C 238 -16.50 -4.80 21.05
N THR C 239 -16.68 -6.08 21.38
CA THR C 239 -15.96 -7.20 20.73
C THR C 239 -16.34 -7.26 19.24
N LYS C 240 -17.64 -7.14 18.95
CA LYS C 240 -18.19 -7.12 17.56
C LYS C 240 -17.56 -5.95 16.79
N LEU C 241 -17.56 -4.73 17.34
CA LEU C 241 -17.02 -3.56 16.60
C LEU C 241 -15.49 -3.70 16.45
N THR C 242 -14.76 -4.13 17.48
CA THR C 242 -13.28 -4.30 17.35
C THR C 242 -12.97 -5.34 16.25
N ALA C 243 -13.78 -6.38 16.10
CA ALA C 243 -13.60 -7.45 15.09
C ALA C 243 -13.56 -6.87 13.67
N ASN C 244 -14.40 -5.87 13.36
CA ASN C 244 -14.34 -5.14 12.06
C ASN C 244 -12.96 -4.54 11.82
N ASP C 245 -12.35 -3.92 12.84
CA ASP C 245 -11.04 -3.23 12.72
C ASP C 245 -9.94 -4.28 12.54
N ILE C 246 -10.02 -5.41 13.26
CA ILE C 246 -9.08 -6.56 13.10
C ILE C 246 -9.18 -7.06 11.65
N TYR C 247 -10.38 -7.27 11.16
CA TYR C 247 -10.60 -7.88 9.83
C TYR C 247 -10.23 -6.87 8.73
N ALA C 248 -10.47 -5.59 8.92
CA ALA C 248 -10.01 -4.54 7.99
C ALA C 248 -8.51 -4.75 7.75
N GLU C 249 -7.73 -5.02 8.79
CA GLU C 249 -6.26 -5.24 8.66
C GLU C 249 -6.02 -6.57 7.94
N PHE C 250 -6.68 -7.65 8.38
CA PHE C 250 -6.58 -8.97 7.70
C PHE C 250 -6.92 -8.85 6.21
N TRP C 251 -7.97 -8.12 5.84
CA TRP C 251 -8.39 -8.02 4.43
C TRP C 251 -7.33 -7.26 3.64
N ALA C 252 -6.78 -6.18 4.18
CA ALA C 252 -5.70 -5.42 3.49
C ALA C 252 -4.50 -6.33 3.28
N GLU C 253 -4.12 -7.10 4.29
CA GLU C 253 -2.97 -8.06 4.20
C GLU C 253 -3.29 -9.10 3.12
N GLY C 254 -4.49 -9.67 3.16
CA GLY C 254 -4.98 -10.56 2.08
C GLY C 254 -4.75 -9.96 0.70
N ASP C 255 -5.29 -8.77 0.47
CA ASP C 255 -5.11 -7.99 -0.78
C ASP C 255 -3.63 -7.94 -1.14
N GLU C 256 -2.77 -7.69 -0.15
CA GLU C 256 -1.31 -7.52 -0.42
C GLU C 256 -0.74 -8.90 -0.74
N MET C 257 -1.25 -9.95 -0.11
CA MET C 257 -0.82 -11.33 -0.42
C MET C 257 -1.14 -11.57 -1.90
N LYS C 258 -2.35 -11.24 -2.34
CA LYS C 258 -2.80 -11.43 -3.75
C LYS C 258 -1.84 -10.67 -4.66
N LYS C 259 -1.37 -9.49 -4.24
CA LYS C 259 -0.46 -8.66 -5.05
C LYS C 259 0.90 -9.36 -5.22
N LEU C 260 1.30 -10.18 -4.25
CA LEU C 260 2.62 -10.88 -4.30
C LEU C 260 2.52 -12.11 -5.18
N GLY C 261 1.32 -12.58 -5.49
CA GLY C 261 1.07 -13.79 -6.30
C GLY C 261 0.73 -14.98 -5.43
N ILE C 262 0.41 -14.76 -4.14
CA ILE C 262 0.13 -15.84 -3.15
C ILE C 262 -1.33 -15.71 -2.76
N GLN C 263 -2.11 -16.77 -2.95
CA GLN C 263 -3.54 -16.82 -2.50
C GLN C 263 -3.49 -16.77 -0.98
N PRO C 264 -4.22 -15.82 -0.35
CA PRO C 264 -4.20 -15.69 1.10
C PRO C 264 -4.99 -16.82 1.77
N ILE C 265 -4.70 -17.13 3.01
CA ILE C 265 -5.58 -18.01 3.85
C ILE C 265 -6.96 -17.36 3.93
N PRO C 266 -8.03 -18.18 4.01
CA PRO C 266 -9.41 -17.67 3.96
C PRO C 266 -9.77 -16.51 4.89
N MET C 267 -9.22 -16.54 6.10
CA MET C 267 -9.46 -15.52 7.15
C MET C 267 -9.13 -14.13 6.59
N MET C 268 -8.14 -14.02 5.69
CA MET C 268 -7.59 -12.73 5.20
C MET C 268 -8.11 -12.39 3.79
N ASP C 269 -8.98 -13.23 3.23
CA ASP C 269 -9.56 -13.02 1.89
C ASP C 269 -10.84 -12.20 2.03
N ARG C 270 -10.91 -10.98 1.51
CA ARG C 270 -12.14 -10.15 1.67
C ARG C 270 -13.30 -10.73 0.85
N ASP C 271 -13.05 -11.57 -0.15
CA ASP C 271 -14.16 -12.21 -0.91
C ASP C 271 -14.76 -13.37 -0.11
N LYS C 272 -14.23 -13.72 1.07
CA LYS C 272 -14.75 -14.83 1.91
C LYS C 272 -15.15 -14.34 3.31
N LYS C 273 -15.84 -13.20 3.40
CA LYS C 273 -16.35 -12.59 4.65
C LYS C 273 -17.42 -13.47 5.32
N ASP C 274 -18.14 -14.29 4.56
CA ASP C 274 -19.20 -15.21 5.07
C ASP C 274 -18.58 -16.26 6.02
N GLU C 275 -17.28 -16.55 5.92
CA GLU C 275 -16.55 -17.57 6.75
C GLU C 275 -16.01 -16.95 8.04
N VAL C 276 -16.26 -15.67 8.31
CA VAL C 276 -15.66 -14.94 9.48
C VAL C 276 -16.19 -15.56 10.77
N PRO C 277 -17.52 -15.72 10.96
CA PRO C 277 -18.05 -16.23 12.23
C PRO C 277 -17.47 -17.61 12.58
N GLN C 278 -17.38 -18.50 11.61
CA GLN C 278 -16.71 -19.82 11.75
C GLN C 278 -15.24 -19.59 12.14
N GLY C 279 -14.64 -18.53 11.61
CA GLY C 279 -13.21 -18.20 11.76
C GLY C 279 -12.92 -17.80 13.19
N GLN C 280 -13.84 -17.04 13.80
CA GLN C 280 -13.72 -16.56 15.20
C GLN C 280 -13.96 -17.73 16.15
N LEU C 281 -14.97 -18.58 15.90
CA LEU C 281 -15.17 -19.85 16.63
C LEU C 281 -13.84 -20.57 16.76
N GLY C 282 -13.21 -20.81 15.62
CA GLY C 282 -11.94 -21.54 15.54
C GLY C 282 -10.88 -20.85 16.38
N PHE C 283 -10.83 -19.51 16.34
CA PHE C 283 -9.83 -18.71 17.05
C PHE C 283 -10.05 -18.85 18.57
N TYR C 284 -11.30 -18.72 19.03
CA TYR C 284 -11.66 -18.80 20.48
C TYR C 284 -11.34 -20.20 21.01
N ASN C 285 -11.65 -21.25 20.24
CA ASN C 285 -11.48 -22.67 20.67
C ASN C 285 -9.99 -23.00 20.75
N ALA C 286 -9.22 -22.59 19.74
CA ALA C 286 -7.79 -22.98 19.56
C ALA C 286 -6.84 -22.03 20.30
N VAL C 287 -7.24 -20.78 20.59
CA VAL C 287 -6.31 -19.72 21.09
C VAL C 287 -6.85 -19.13 22.39
N ALA C 288 -7.92 -18.34 22.29
CA ALA C 288 -8.38 -17.45 23.36
C ALA C 288 -8.79 -18.26 24.60
N ILE C 289 -9.71 -19.23 24.47
CA ILE C 289 -10.23 -20.02 25.63
C ILE C 289 -9.06 -20.71 26.34
N PRO C 290 -8.18 -21.47 25.65
CA PRO C 290 -7.04 -22.10 26.33
C PRO C 290 -6.15 -21.08 27.04
N CYS C 291 -5.95 -19.92 26.41
CA CYS C 291 -5.09 -18.84 26.95
C CYS C 291 -5.66 -18.36 28.29
N TYR C 292 -6.94 -17.97 28.32
CA TYR C 292 -7.62 -17.45 29.54
C TYR C 292 -7.88 -18.60 30.53
N THR C 293 -7.94 -19.84 30.06
CA THR C 293 -8.20 -21.03 30.94
C THR C 293 -6.96 -21.23 31.81
N THR C 294 -5.78 -21.28 31.17
CA THR C 294 -4.47 -21.45 31.85
C THR C 294 -4.19 -20.25 32.76
N LEU C 295 -4.49 -19.02 32.32
CA LEU C 295 -4.25 -17.79 33.10
C LEU C 295 -5.11 -17.81 34.37
N THR C 296 -6.38 -18.19 34.25
CA THR C 296 -7.30 -18.36 35.39
C THR C 296 -6.77 -19.44 36.36
N GLN C 297 -6.25 -20.56 35.88
CA GLN C 297 -5.69 -21.61 36.77
C GLN C 297 -4.53 -21.04 37.58
N ILE C 298 -3.62 -20.28 36.95
CA ILE C 298 -2.41 -19.74 37.63
C ILE C 298 -2.79 -18.52 38.46
N LEU C 299 -3.75 -17.71 38.00
CA LEU C 299 -4.20 -16.45 38.65
C LEU C 299 -5.73 -16.41 38.70
N PRO C 300 -6.37 -17.04 39.69
CA PRO C 300 -7.82 -17.11 39.78
C PRO C 300 -8.58 -15.79 39.69
N PRO C 301 -8.05 -14.66 40.21
CA PRO C 301 -8.73 -13.37 40.05
C PRO C 301 -8.86 -12.82 38.61
N THR C 302 -8.32 -13.53 37.59
CA THR C 302 -8.45 -13.15 36.16
C THR C 302 -9.64 -13.86 35.54
N GLU C 303 -10.37 -14.62 36.34
CA GLU C 303 -11.58 -15.39 35.99
C GLU C 303 -12.47 -14.58 35.06
N PRO C 304 -12.85 -13.32 35.41
CA PRO C 304 -13.72 -12.51 34.55
C PRO C 304 -13.29 -12.45 33.08
N LEU C 305 -11.99 -12.50 32.77
CA LEU C 305 -11.52 -12.52 31.36
C LEU C 305 -12.01 -13.82 30.70
N LEU C 306 -11.83 -14.96 31.39
CA LEU C 306 -12.31 -16.28 30.90
C LEU C 306 -13.83 -16.22 30.71
N LYS C 307 -14.58 -15.74 31.70
CA LYS C 307 -16.06 -15.71 31.66
C LYS C 307 -16.49 -14.90 30.43
N ALA C 308 -15.88 -13.73 30.22
CA ALA C 308 -16.32 -12.80 29.15
C ALA C 308 -15.99 -13.42 27.80
N CYS C 309 -14.85 -14.09 27.71
CA CYS C 309 -14.41 -14.78 26.48
C CYS C 309 -15.42 -15.91 26.12
N ARG C 310 -15.92 -16.66 27.12
CA ARG C 310 -16.94 -17.73 26.88
CA ARG C 310 -16.96 -17.72 26.93
C ARG C 310 -18.28 -17.08 26.49
N ASP C 311 -18.68 -15.99 27.12
CA ASP C 311 -19.91 -15.25 26.70
C ASP C 311 -19.82 -14.90 25.20
N ASN C 312 -18.68 -14.37 24.74
CA ASN C 312 -18.48 -13.90 23.34
C ASN C 312 -18.40 -15.12 22.40
N LEU C 313 -17.85 -16.25 22.84
CA LEU C 313 -17.84 -17.51 22.05
C LEU C 313 -19.29 -17.91 21.75
N SER C 314 -20.16 -17.81 22.78
CA SER C 314 -21.61 -18.13 22.71
C SER C 314 -22.33 -17.11 21.80
N GLN C 315 -21.90 -15.84 21.77
CA GLN C 315 -22.43 -14.81 20.83
C GLN C 315 -22.01 -15.10 19.40
N TRP C 316 -20.78 -15.56 19.16
CA TRP C 316 -20.33 -15.94 17.79
C TRP C 316 -21.10 -17.16 17.31
N GLU C 317 -21.39 -18.11 18.20
CA GLU C 317 -22.19 -19.32 17.86
C GLU C 317 -23.61 -18.89 17.43
N LYS C 318 -24.23 -17.95 18.16
CA LYS C 318 -25.56 -17.40 17.82
C LYS C 318 -25.50 -16.80 16.42
N VAL C 319 -24.45 -16.05 16.08
CA VAL C 319 -24.27 -15.44 14.74
C VAL C 319 -24.20 -16.58 13.70
N ILE C 320 -23.40 -17.63 13.94
CA ILE C 320 -23.27 -18.78 12.99
C ILE C 320 -24.66 -19.39 12.72
N ARG C 321 -25.57 -19.39 13.71
CA ARG C 321 -26.89 -20.08 13.62
C ARG C 321 -27.98 -19.11 13.09
N GLY C 322 -27.62 -18.06 12.36
CA GLY C 322 -28.58 -17.09 11.78
C GLY C 322 -29.34 -16.26 12.82
N GLU C 323 -28.96 -16.24 14.10
CA GLU C 323 -29.68 -15.52 15.20
C GLU C 323 -29.07 -14.12 15.44
N GLU C 324 -27.99 -13.78 14.73
CA GLU C 324 -27.48 -12.39 14.59
C GLU C 324 -26.55 -12.29 13.37
N LEU D 13 37.71 -41.54 1.82
CA LEU D 13 38.43 -40.37 2.41
C LEU D 13 39.35 -39.71 1.36
N MET D 14 39.18 -40.04 0.09
CA MET D 14 40.10 -39.65 -1.02
C MET D 14 39.42 -38.57 -1.88
N GLN D 15 39.34 -37.34 -1.38
CA GLN D 15 38.61 -36.20 -2.01
C GLN D 15 39.48 -35.52 -3.08
N PHE D 16 38.83 -34.88 -4.06
CA PHE D 16 39.51 -34.07 -5.11
C PHE D 16 39.61 -32.63 -4.63
N THR D 17 40.74 -31.99 -4.89
CA THR D 17 40.98 -30.54 -4.62
C THR D 17 41.40 -29.88 -5.92
N LEU D 18 40.92 -28.66 -6.15
CA LEU D 18 41.32 -27.84 -7.32
C LEU D 18 42.34 -26.81 -6.88
N PRO D 19 43.14 -26.25 -7.82
CA PRO D 19 43.97 -25.09 -7.49
C PRO D 19 43.10 -23.89 -7.04
N VAL D 20 43.68 -23.04 -6.20
CA VAL D 20 42.96 -21.94 -5.49
C VAL D 20 42.01 -21.24 -6.48
N ARG D 21 42.50 -20.72 -7.61
CA ARG D 21 41.65 -19.86 -8.46
C ARG D 21 40.37 -20.62 -8.85
N LEU D 22 40.51 -21.92 -9.18
CA LEU D 22 39.41 -22.78 -9.69
C LEU D 22 38.48 -23.15 -8.53
N CYS D 23 39.06 -23.57 -7.41
CA CYS D 23 38.35 -23.91 -6.13
C CYS D 23 37.36 -22.77 -5.80
N LYS D 24 37.81 -21.52 -6.00
CA LYS D 24 37.05 -20.29 -5.70
C LYS D 24 36.12 -19.92 -6.87
N GLU D 25 36.59 -19.98 -8.13
CA GLU D 25 35.83 -19.45 -9.29
C GLU D 25 34.75 -20.47 -9.72
N ILE D 26 34.93 -21.76 -9.40
CA ILE D 26 33.98 -22.85 -9.76
C ILE D 26 32.62 -22.57 -9.12
N GLU D 27 32.58 -21.76 -8.06
CA GLU D 27 31.34 -21.51 -7.28
C GLU D 27 30.52 -20.43 -7.98
N LEU D 28 31.12 -19.69 -8.91
CA LEU D 28 30.44 -18.65 -9.73
C LEU D 28 29.70 -19.32 -10.90
N PHE D 29 28.51 -18.84 -11.26
CA PHE D 29 27.75 -19.32 -12.44
C PHE D 29 28.59 -19.17 -13.73
N HIS D 30 29.35 -18.09 -13.91
CA HIS D 30 30.01 -17.74 -15.20
C HIS D 30 31.40 -18.39 -15.33
N PHE D 31 31.84 -19.18 -14.34
CA PHE D 31 33.07 -20.00 -14.42
C PHE D 31 33.19 -20.69 -15.78
N ASP D 32 34.42 -20.75 -16.29
CA ASP D 32 34.81 -21.45 -17.53
C ASP D 32 35.75 -22.58 -17.11
N ILE D 33 35.53 -23.80 -17.59
CA ILE D 33 36.28 -24.99 -17.08
C ILE D 33 37.70 -25.04 -17.71
N GLY D 34 38.01 -24.14 -18.66
CA GLY D 34 39.36 -23.96 -19.22
C GLY D 34 39.65 -24.94 -20.36
N PRO D 35 40.85 -24.82 -21.00
CA PRO D 35 41.19 -25.60 -22.19
C PRO D 35 41.91 -26.94 -21.95
N PHE D 36 42.18 -27.30 -20.70
CA PHE D 36 42.88 -28.56 -20.31
C PHE D 36 41.85 -29.70 -20.09
N GLU D 37 41.52 -30.42 -21.17
CA GLU D 37 40.67 -31.65 -21.21
C GLU D 37 40.96 -32.58 -20.03
N ASN D 38 42.22 -32.76 -19.66
CA ASN D 38 42.63 -33.79 -18.67
C ASN D 38 42.16 -33.38 -17.27
N MET D 39 41.70 -32.13 -17.06
CA MET D 39 41.25 -31.66 -15.73
C MET D 39 39.71 -31.75 -15.57
N TRP D 40 38.96 -31.87 -16.67
CA TRP D 40 37.48 -31.84 -16.63
C TRP D 40 36.92 -33.00 -15.82
N PRO D 41 37.44 -34.26 -15.93
CA PRO D 41 36.96 -35.35 -15.09
C PRO D 41 37.15 -35.03 -13.60
N GLY D 42 38.33 -34.56 -13.20
CA GLY D 42 38.60 -34.11 -11.82
C GLY D 42 37.65 -32.99 -11.38
N ILE D 43 37.36 -32.04 -12.28
CA ILE D 43 36.45 -30.90 -12.00
C ILE D 43 35.04 -31.47 -11.74
N PHE D 44 34.64 -32.50 -12.48
CA PHE D 44 33.28 -33.09 -12.36
C PHE D 44 33.15 -33.85 -11.04
N VAL D 45 34.14 -34.69 -10.69
CA VAL D 45 34.14 -35.45 -9.41
C VAL D 45 34.13 -34.46 -8.24
N TYR D 46 34.88 -33.37 -8.32
CA TYR D 46 34.90 -32.30 -7.29
C TYR D 46 33.45 -31.87 -7.04
N MET D 47 32.76 -31.44 -8.10
CA MET D 47 31.37 -30.90 -8.05
C MET D 47 30.44 -31.98 -7.48
N VAL D 48 30.64 -33.24 -7.86
CA VAL D 48 29.76 -34.35 -7.41
C VAL D 48 29.98 -34.56 -5.91
N HIS D 49 31.22 -34.46 -5.42
CA HIS D 49 31.54 -34.61 -3.98
C HIS D 49 30.84 -33.51 -3.16
N ARG D 50 31.03 -32.25 -3.53
CA ARG D 50 30.44 -31.08 -2.81
C ARG D 50 28.91 -31.05 -3.00
N SER D 51 28.41 -31.44 -4.16
CA SER D 51 27.00 -31.22 -4.57
C SER D 51 26.08 -32.26 -3.89
N CYS D 52 26.65 -33.40 -3.52
CA CYS D 52 25.94 -34.68 -3.31
C CYS D 52 26.42 -35.30 -1.98
N GLY D 53 27.75 -35.42 -1.82
CA GLY D 53 28.45 -36.07 -0.69
C GLY D 53 29.60 -36.93 -1.20
N THR D 54 30.64 -37.15 -0.39
CA THR D 54 31.87 -37.90 -0.79
C THR D 54 31.54 -39.38 -1.08
N SER D 55 30.39 -39.87 -0.62
CA SER D 55 30.00 -41.31 -0.57
C SER D 55 28.83 -41.62 -1.50
N CYS D 56 28.32 -40.64 -2.24
CA CYS D 56 27.25 -40.81 -3.25
C CYS D 56 27.61 -41.94 -4.22
N PHE D 57 28.82 -41.93 -4.77
CA PHE D 57 29.27 -42.93 -5.77
C PHE D 57 30.58 -43.54 -5.31
N GLU D 58 30.73 -44.87 -5.40
CA GLU D 58 32.04 -45.56 -5.29
C GLU D 58 32.93 -44.93 -6.36
N LEU D 59 34.10 -44.40 -5.98
CA LEU D 59 35.01 -43.60 -6.87
C LEU D 59 35.45 -44.44 -8.08
N GLU D 60 35.73 -45.74 -7.92
CA GLU D 60 36.23 -46.61 -9.01
C GLU D 60 35.18 -46.69 -10.13
N LYS D 61 33.90 -46.84 -9.79
CA LYS D 61 32.78 -46.98 -10.76
C LYS D 61 32.54 -45.63 -11.45
N LEU D 62 32.54 -44.55 -10.65
CA LEU D 62 32.29 -43.16 -11.12
C LEU D 62 33.38 -42.80 -12.12
N CME D 63 34.65 -42.97 -11.77
CA CME D 63 35.80 -42.63 -12.65
CB CME D 63 37.18 -42.87 -12.01
SG CME D 63 37.87 -41.51 -11.02
SD CME D 63 37.88 -39.88 -12.26
CE CME D 63 39.47 -40.01 -13.15
CZ CME D 63 40.42 -38.91 -12.78
OH CME D 63 41.68 -39.08 -13.39
C CME D 63 35.60 -43.36 -13.98
O CME D 63 35.67 -42.70 -15.03
N ARG D 64 35.32 -44.66 -13.97
CA ARG D 64 35.30 -45.41 -15.25
C ARG D 64 33.98 -45.08 -15.97
N PHE D 65 32.90 -44.75 -15.24
CA PHE D 65 31.66 -44.22 -15.85
C PHE D 65 31.98 -42.94 -16.66
N ILE D 66 32.71 -42.03 -16.04
CA ILE D 66 33.09 -40.73 -16.65
C ILE D 66 33.90 -40.96 -17.93
N MET D 67 34.86 -41.89 -17.91
CA MET D 67 35.79 -42.07 -19.06
C MET D 67 35.07 -42.80 -20.20
N SER D 68 34.06 -43.63 -19.91
CA SER D 68 33.11 -44.20 -20.91
C SER D 68 32.23 -43.09 -21.51
N VAL D 69 31.69 -42.18 -20.68
CA VAL D 69 30.83 -41.07 -21.17
C VAL D 69 31.64 -40.22 -22.15
N LYS D 70 32.83 -39.78 -21.72
CA LYS D 70 33.79 -38.99 -22.53
C LYS D 70 33.97 -39.65 -23.89
N LYS D 71 34.24 -40.95 -23.86
CA LYS D 71 34.57 -41.76 -25.06
C LYS D 71 33.39 -41.70 -26.04
N ASN D 72 32.15 -41.59 -25.56
CA ASN D 72 30.94 -41.64 -26.41
C ASN D 72 30.47 -40.23 -26.79
N TYR D 73 31.20 -39.19 -26.42
CA TYR D 73 31.08 -37.84 -27.05
C TYR D 73 32.03 -37.80 -28.25
N ARG D 74 31.59 -37.20 -29.33
CA ARG D 74 32.36 -37.11 -30.60
C ARG D 74 33.10 -35.78 -30.66
N ARG D 75 34.07 -35.67 -31.58
CA ARG D 75 34.91 -34.47 -31.77
C ARG D 75 34.19 -33.55 -32.75
N VAL D 76 33.15 -32.90 -32.27
CA VAL D 76 32.35 -31.92 -33.06
C VAL D 76 32.61 -30.54 -32.47
N PRO D 77 32.39 -29.45 -33.23
CA PRO D 77 32.78 -28.12 -32.76
C PRO D 77 32.11 -27.68 -31.44
N TYR D 78 30.90 -28.13 -31.13
CA TYR D 78 30.14 -27.58 -29.98
C TYR D 78 29.53 -28.68 -29.10
N HIS D 79 28.81 -29.64 -29.67
CA HIS D 79 28.06 -30.70 -28.91
C HIS D 79 29.01 -31.80 -28.45
N ASN D 80 30.02 -31.43 -27.65
CA ASN D 80 31.21 -32.26 -27.37
C ASN D 80 31.38 -32.43 -25.86
N TRP D 81 32.48 -33.05 -25.44
CA TRP D 81 32.78 -33.35 -24.02
C TRP D 81 32.83 -32.07 -23.19
N LYS D 82 33.38 -31.00 -23.75
CA LYS D 82 33.54 -29.70 -23.05
C LYS D 82 32.15 -29.18 -22.67
N HIS D 83 31.21 -29.28 -23.61
CA HIS D 83 29.80 -28.83 -23.45
C HIS D 83 29.12 -29.62 -22.32
N ALA D 84 29.27 -30.94 -22.30
CA ALA D 84 28.70 -31.85 -21.27
C ALA D 84 29.11 -31.36 -19.88
N VAL D 85 30.40 -31.12 -19.66
CA VAL D 85 30.94 -30.76 -18.32
C VAL D 85 30.53 -29.33 -17.99
N THR D 86 30.46 -28.46 -19.00
CA THR D 86 30.04 -27.04 -18.86
C THR D 86 28.60 -27.04 -18.39
N VAL D 87 27.74 -27.84 -19.02
CA VAL D 87 26.31 -27.93 -18.60
C VAL D 87 26.24 -28.50 -17.17
N ALA D 88 27.02 -29.52 -16.88
CA ALA D 88 27.08 -30.11 -15.53
C ALA D 88 27.50 -29.06 -14.51
N HIS D 89 28.44 -28.17 -14.85
CA HIS D 89 28.92 -27.10 -13.92
C HIS D 89 27.82 -26.09 -13.60
N CYS D 90 27.01 -25.67 -14.59
CA CYS D 90 25.85 -24.77 -14.39
C CYS D 90 24.89 -25.41 -13.37
N MET D 91 24.51 -26.68 -13.60
CA MET D 91 23.64 -27.45 -12.69
C MET D 91 24.29 -27.48 -11.30
N TYR D 92 25.60 -27.71 -11.22
CA TYR D 92 26.35 -27.59 -9.94
C TYR D 92 26.03 -26.24 -9.26
N ALA D 93 26.31 -25.11 -9.94
CA ALA D 93 26.04 -23.75 -9.41
C ALA D 93 24.61 -23.69 -8.92
N ILE D 94 23.63 -24.19 -9.69
CA ILE D 94 22.19 -24.08 -9.30
C ILE D 94 22.00 -24.84 -8.00
N LEU D 95 22.44 -26.10 -7.94
CA LEU D 95 22.17 -26.99 -6.79
C LEU D 95 22.85 -26.45 -5.53
N GLN D 96 24.05 -25.90 -5.65
CA GLN D 96 24.78 -25.36 -4.47
C GLN D 96 24.04 -24.13 -3.92
N ASN D 97 23.32 -23.39 -4.75
CA ASN D 97 22.72 -22.09 -4.39
C ASN D 97 21.23 -22.29 -4.06
N ASN D 98 20.74 -23.53 -4.15
CA ASN D 98 19.35 -23.89 -3.75
C ASN D 98 19.39 -25.24 -3.03
N HIS D 99 20.34 -25.46 -2.11
CA HIS D 99 20.67 -26.82 -1.59
C HIS D 99 19.48 -27.40 -0.83
N THR D 100 18.64 -26.56 -0.20
CA THR D 100 17.49 -27.00 0.63
C THR D 100 16.30 -27.42 -0.25
N LEU D 101 16.31 -27.07 -1.54
CA LEU D 101 15.15 -27.34 -2.46
C LEU D 101 15.18 -28.75 -3.11
N PHE D 102 16.28 -29.51 -3.07
CA PHE D 102 16.41 -30.76 -3.88
C PHE D 102 16.68 -32.01 -3.02
N THR D 103 16.00 -33.09 -3.38
CA THR D 103 16.10 -34.44 -2.74
C THR D 103 17.53 -34.97 -2.95
N ASP D 104 17.88 -36.05 -2.27
CA ASP D 104 19.24 -36.68 -2.35
C ASP D 104 19.41 -37.30 -3.75
N LEU D 105 18.33 -37.86 -4.30
CA LEU D 105 18.29 -38.57 -5.61
C LEU D 105 18.38 -37.55 -6.76
N GLU D 106 17.70 -36.43 -6.63
CA GLU D 106 17.77 -35.33 -7.63
C GLU D 106 19.23 -34.88 -7.76
N ARG D 107 19.90 -34.66 -6.62
CA ARG D 107 21.31 -34.20 -6.55
C ARG D 107 22.21 -35.21 -7.28
N LYS D 108 22.00 -36.51 -7.03
CA LYS D 108 22.72 -37.61 -7.73
C LYS D 108 22.36 -37.60 -9.23
N GLY D 109 21.06 -37.52 -9.55
CA GLY D 109 20.52 -37.68 -10.91
C GLY D 109 20.95 -36.58 -11.87
N LEU D 110 20.83 -35.31 -11.45
CA LEU D 110 20.86 -34.13 -12.36
C LEU D 110 22.28 -33.84 -12.89
N LEU D 111 23.31 -34.04 -12.08
CA LEU D 111 24.71 -33.86 -12.53
C LEU D 111 25.01 -34.91 -13.60
N ILE D 112 24.65 -36.16 -13.33
CA ILE D 112 24.78 -37.30 -14.29
C ILE D 112 23.98 -36.95 -15.54
N ALA D 113 22.74 -36.50 -15.38
CA ALA D 113 21.87 -36.18 -16.53
C ALA D 113 22.60 -35.15 -17.37
N CYS D 114 23.22 -34.15 -16.74
CA CYS D 114 23.85 -33.02 -17.49
C CYS D 114 25.09 -33.53 -18.26
N LEU D 115 25.91 -34.37 -17.62
CA LEU D 115 27.14 -34.96 -18.24
C LEU D 115 26.74 -35.88 -19.41
N CYS D 116 25.55 -36.48 -19.36
CA CYS D 116 25.10 -37.47 -20.37
C CYS D 116 24.13 -36.84 -21.39
N HIS D 117 23.67 -35.60 -21.21
CA HIS D 117 22.48 -35.05 -21.92
C HIS D 117 22.70 -35.01 -23.43
N ASP D 118 23.93 -35.06 -23.94
CA ASP D 118 24.18 -34.93 -25.39
C ASP D 118 25.04 -36.08 -25.93
N LEU D 119 25.00 -37.24 -25.26
CA LEU D 119 25.81 -38.45 -25.61
C LEU D 119 25.63 -38.81 -27.08
N ASP D 120 26.74 -38.93 -27.81
CA ASP D 120 26.80 -39.44 -29.21
C ASP D 120 26.09 -38.46 -30.16
N HIS D 121 26.15 -37.17 -29.85
CA HIS D 121 25.66 -36.08 -30.75
C HIS D 121 26.58 -35.99 -31.96
N ARG D 122 26.03 -35.81 -33.17
CA ARG D 122 26.78 -35.72 -34.45
C ARG D 122 26.87 -34.26 -34.90
N GLY D 123 26.24 -33.34 -34.15
CA GLY D 123 26.20 -31.90 -34.41
C GLY D 123 25.07 -31.53 -35.35
N PHE D 124 24.02 -32.36 -35.38
CA PHE D 124 22.87 -32.20 -36.29
C PHE D 124 21.58 -32.16 -35.45
N SER D 125 20.69 -31.25 -35.83
CA SER D 125 19.34 -31.01 -35.23
C SER D 125 18.45 -32.22 -35.53
N ASN D 126 17.48 -32.48 -34.64
CA ASN D 126 16.33 -33.39 -34.88
C ASN D 126 15.75 -33.14 -36.29
N SER D 127 15.58 -31.87 -36.70
CA SER D 127 15.03 -31.49 -38.04
C SER D 127 15.83 -32.18 -39.15
N TYR D 128 17.16 -32.14 -39.03
CA TYR D 128 18.04 -32.62 -40.10
C TYR D 128 17.89 -34.15 -40.18
N LEU D 129 17.90 -34.83 -39.04
CA LEU D 129 17.82 -36.33 -39.05
C LEU D 129 16.52 -36.71 -39.77
N GLN D 130 15.48 -35.87 -39.62
CA GLN D 130 14.14 -36.17 -40.19
C GLN D 130 14.17 -35.95 -41.70
N LYS D 131 14.79 -34.87 -42.18
CA LYS D 131 14.85 -34.52 -43.63
C LYS D 131 15.82 -35.46 -44.35
N PHE D 132 16.89 -35.87 -43.67
CA PHE D 132 17.85 -36.91 -44.13
C PHE D 132 17.19 -38.30 -44.12
N ASP D 133 16.24 -38.52 -43.22
CA ASP D 133 15.50 -39.80 -43.09
C ASP D 133 16.42 -40.78 -42.33
N HIS D 134 16.99 -40.30 -41.22
CA HIS D 134 17.96 -41.07 -40.41
C HIS D 134 17.23 -42.21 -39.69
N PRO D 135 17.85 -43.41 -39.58
CA PRO D 135 17.27 -44.50 -38.79
C PRO D 135 16.78 -44.08 -37.39
N LEU D 136 17.53 -43.21 -36.70
CA LEU D 136 17.14 -42.69 -35.35
C LEU D 136 15.77 -41.98 -35.42
N ALA D 137 15.43 -41.31 -36.52
CA ALA D 137 14.14 -40.58 -36.72
C ALA D 137 12.99 -41.57 -36.93
N ALA D 138 13.26 -42.75 -37.48
CA ALA D 138 12.28 -43.85 -37.58
C ALA D 138 12.07 -44.46 -36.19
N LEU D 139 13.13 -44.60 -35.41
CA LEU D 139 13.10 -45.29 -34.08
C LEU D 139 12.40 -44.39 -33.04
N TYR D 140 12.64 -43.07 -33.12
CA TYR D 140 12.15 -42.01 -32.19
C TYR D 140 11.61 -40.83 -33.01
N SER D 141 10.28 -40.62 -33.03
CA SER D 141 9.56 -39.69 -33.94
C SER D 141 9.61 -38.25 -33.42
N THR D 142 9.84 -38.06 -32.10
CA THR D 142 9.97 -36.75 -31.41
C THR D 142 11.11 -36.80 -30.38
N SER D 143 11.76 -35.65 -30.15
CA SER D 143 12.97 -35.52 -29.32
C SER D 143 13.97 -36.61 -29.73
N THR D 144 14.25 -36.68 -31.04
CA THR D 144 14.95 -37.81 -31.70
C THR D 144 16.28 -38.02 -30.99
N MET D 145 17.17 -37.02 -31.07
CA MET D 145 18.55 -37.09 -30.51
C MET D 145 18.46 -37.36 -29.00
N GLU D 146 17.47 -36.78 -28.33
CA GLU D 146 17.37 -36.77 -26.84
C GLU D 146 17.01 -38.18 -26.34
N GLN D 147 16.16 -38.90 -27.07
CA GLN D 147 15.85 -40.31 -26.71
C GLN D 147 17.10 -41.16 -26.96
N HIS D 148 17.84 -40.89 -28.05
CA HIS D 148 19.15 -41.53 -28.30
C HIS D 148 20.08 -41.26 -27.12
N HIS D 149 20.17 -40.01 -26.64
CA HIS D 149 21.09 -39.64 -25.55
C HIS D 149 20.76 -40.46 -24.29
N PHE D 150 19.49 -40.58 -23.93
CA PHE D 150 19.06 -41.36 -22.73
C PHE D 150 19.38 -42.84 -22.93
N SER D 151 19.16 -43.35 -24.15
CA SER D 151 19.45 -44.74 -24.57
C SER D 151 20.93 -45.04 -24.38
N GLN D 152 21.81 -44.18 -24.92
CA GLN D 152 23.30 -44.24 -24.77
C GLN D 152 23.70 -44.23 -23.29
N THR D 153 22.98 -43.47 -22.46
CA THR D 153 23.23 -43.31 -21.01
C THR D 153 22.97 -44.64 -20.30
N VAL D 154 21.86 -45.31 -20.63
CA VAL D 154 21.43 -46.61 -20.04
C VAL D 154 22.46 -47.67 -20.42
N SER D 155 22.80 -47.75 -21.71
CA SER D 155 23.86 -48.64 -22.26
C SER D 155 25.10 -48.57 -21.39
N ILE D 156 25.61 -47.36 -21.11
CA ILE D 156 26.87 -47.16 -20.35
C ILE D 156 26.67 -47.62 -18.91
N LEU D 157 25.52 -47.33 -18.30
CA LEU D 157 25.22 -47.72 -16.90
C LEU D 157 25.28 -49.25 -16.76
N GLN D 158 25.00 -49.99 -17.84
CA GLN D 158 24.87 -51.46 -17.82
C GLN D 158 26.16 -52.15 -18.29
N LEU D 159 27.16 -51.37 -18.75
CA LEU D 159 28.54 -51.86 -18.93
C LEU D 159 29.03 -52.43 -17.59
N GLU D 160 29.87 -53.49 -17.61
CA GLU D 160 30.42 -54.13 -16.38
C GLU D 160 31.21 -53.11 -15.56
N GLY D 161 31.01 -53.09 -14.24
CA GLY D 161 31.68 -52.17 -13.29
C GLY D 161 31.32 -50.70 -13.46
N HIS D 162 30.29 -50.34 -14.25
CA HIS D 162 29.92 -48.93 -14.58
C HIS D 162 28.68 -48.43 -13.82
N ASN D 163 27.93 -49.31 -13.12
CA ASN D 163 26.63 -48.90 -12.50
C ASN D 163 26.92 -48.17 -11.19
N ILE D 164 26.91 -46.85 -11.26
CA ILE D 164 27.23 -45.91 -10.14
C ILE D 164 26.04 -45.85 -9.18
N PHE D 165 24.90 -46.43 -9.56
CA PHE D 165 23.64 -46.43 -8.77
C PHE D 165 23.38 -47.83 -8.18
N SER D 166 24.42 -48.63 -8.02
CA SER D 166 24.33 -50.06 -7.59
C SER D 166 24.02 -50.12 -6.09
N THR D 167 24.40 -49.11 -5.31
CA THR D 167 24.14 -49.07 -3.84
C THR D 167 22.72 -48.54 -3.56
N LEU D 168 21.97 -48.10 -4.58
CA LEU D 168 20.56 -47.63 -4.38
C LEU D 168 19.65 -48.85 -4.25
N SER D 169 18.58 -48.75 -3.45
CA SER D 169 17.41 -49.67 -3.51
C SER D 169 16.87 -49.73 -4.95
N SER D 170 15.91 -50.62 -5.22
CA SER D 170 15.38 -50.91 -6.57
C SER D 170 14.34 -49.85 -6.97
N SER D 171 13.67 -49.24 -5.98
CA SER D 171 12.70 -48.11 -6.14
C SER D 171 13.46 -46.81 -6.41
N GLU D 172 14.52 -46.59 -5.62
CA GLU D 172 15.40 -45.39 -5.68
C GLU D 172 16.08 -45.39 -7.05
N TYR D 173 16.50 -46.56 -7.52
CA TYR D 173 17.13 -46.79 -8.83
C TYR D 173 16.17 -46.40 -9.97
N GLU D 174 14.93 -46.90 -9.98
CA GLU D 174 14.01 -46.66 -11.13
C GLU D 174 13.59 -45.19 -11.10
N GLN D 175 13.70 -44.56 -9.94
CA GLN D 175 13.31 -43.15 -9.66
C GLN D 175 14.42 -42.21 -10.16
N VAL D 176 15.70 -42.55 -9.90
CA VAL D 176 16.85 -41.71 -10.35
C VAL D 176 16.92 -41.80 -11.87
N LEU D 177 16.65 -42.99 -12.43
CA LEU D 177 16.67 -43.26 -13.89
C LEU D 177 15.59 -42.41 -14.57
N GLU D 178 14.42 -42.30 -13.93
CA GLU D 178 13.27 -41.48 -14.42
C GLU D 178 13.59 -39.97 -14.30
N ILE D 179 14.29 -39.53 -13.25
CA ILE D 179 14.83 -38.14 -13.13
C ILE D 179 15.74 -37.87 -14.34
N ILE D 180 16.66 -38.79 -14.64
CA ILE D 180 17.67 -38.61 -15.73
C ILE D 180 16.96 -38.57 -17.08
N ARG D 181 15.95 -39.41 -17.28
CA ARG D 181 15.20 -39.49 -18.56
C ARG D 181 14.48 -38.16 -18.80
N LYS D 182 13.70 -37.71 -17.83
CA LYS D 182 12.90 -36.46 -17.96
C LYS D 182 13.83 -35.29 -18.24
N ALA D 183 14.94 -35.24 -17.49
CA ALA D 183 15.93 -34.16 -17.54
C ALA D 183 16.55 -34.12 -18.94
N ILE D 184 16.99 -35.26 -19.47
CA ILE D 184 17.63 -35.36 -20.82
C ILE D 184 16.59 -35.01 -21.88
N ILE D 185 15.39 -35.59 -21.81
CA ILE D 185 14.29 -35.29 -22.78
C ILE D 185 14.01 -33.78 -22.75
N ALA D 186 14.03 -33.16 -21.57
CA ALA D 186 13.67 -31.72 -21.42
C ALA D 186 14.66 -30.79 -22.18
N THR D 187 15.89 -31.23 -22.50
CA THR D 187 16.90 -30.44 -23.27
C THR D 187 16.54 -30.36 -24.76
N ASP D 188 15.46 -31.02 -25.18
CA ASP D 188 14.83 -30.80 -26.51
C ASP D 188 14.19 -29.42 -26.51
N LEU D 189 14.83 -28.43 -27.12
CA LEU D 189 14.39 -27.02 -27.03
C LEU D 189 12.93 -26.88 -27.51
N ALA D 190 12.51 -27.66 -28.49
CA ALA D 190 11.09 -27.65 -28.97
C ALA D 190 10.12 -27.74 -27.78
N LEU D 191 10.44 -28.55 -26.77
CA LEU D 191 9.59 -28.80 -25.55
C LEU D 191 9.67 -27.62 -24.56
N TYR D 192 10.76 -26.84 -24.56
CA TYR D 192 11.02 -25.76 -23.57
C TYR D 192 9.91 -24.69 -23.63
N PHE D 193 9.50 -24.28 -24.83
CA PHE D 193 8.55 -23.14 -25.04
C PHE D 193 7.27 -23.39 -24.23
N GLY D 194 6.63 -24.55 -24.44
CA GLY D 194 5.44 -25.06 -23.70
C GLY D 194 5.67 -25.20 -22.21
N ASN D 195 6.84 -25.67 -21.80
CA ASN D 195 7.23 -25.88 -20.37
C ASN D 195 7.39 -24.53 -19.66
N ARG D 196 8.00 -23.53 -20.30
CA ARG D 196 8.24 -22.18 -19.71
C ARG D 196 6.91 -21.40 -19.59
N LYS D 197 6.06 -21.44 -20.63
CA LYS D 197 4.73 -20.79 -20.69
C LYS D 197 3.81 -21.34 -19.61
N GLN D 198 3.93 -22.63 -19.26
CA GLN D 198 3.17 -23.28 -18.15
C GLN D 198 3.69 -22.84 -16.78
N LEU D 199 5.01 -22.82 -16.54
CA LEU D 199 5.61 -22.46 -15.23
C LEU D 199 5.40 -20.97 -14.97
N GLU D 200 5.47 -20.14 -16.01
CA GLU D 200 5.23 -18.69 -15.89
C GLU D 200 3.85 -18.52 -15.27
N GLU D 201 2.85 -19.08 -15.95
CA GLU D 201 1.41 -19.05 -15.55
C GLU D 201 1.26 -19.64 -14.15
N MET D 202 1.88 -20.79 -13.87
CA MET D 202 1.78 -21.45 -12.54
C MET D 202 2.39 -20.55 -11.45
N TYR D 203 3.57 -19.96 -11.66
CA TYR D 203 4.27 -19.15 -10.62
C TYR D 203 3.53 -17.82 -10.39
N GLN D 204 3.13 -17.13 -11.46
CA GLN D 204 2.48 -15.78 -11.41
C GLN D 204 1.14 -15.87 -10.65
N THR D 205 0.31 -16.89 -10.90
CA THR D 205 -1.02 -17.08 -10.25
C THR D 205 -0.86 -17.86 -8.92
N GLY D 206 0.37 -18.19 -8.52
CA GLY D 206 0.73 -18.77 -7.21
C GLY D 206 0.29 -20.21 -7.03
N SER D 207 -0.07 -20.95 -8.10
CA SER D 207 -0.44 -22.39 -8.03
C SER D 207 0.81 -23.30 -8.15
N LEU D 208 1.98 -22.78 -8.55
CA LEU D 208 3.24 -23.56 -8.53
C LEU D 208 3.47 -24.10 -7.11
N ASN D 209 3.75 -25.41 -7.00
CA ASN D 209 3.87 -26.17 -5.73
C ASN D 209 4.95 -27.26 -5.87
N LEU D 210 6.10 -27.09 -5.20
CA LEU D 210 7.27 -28.01 -5.32
C LEU D 210 7.00 -29.36 -4.62
N ASN D 211 5.87 -29.52 -3.94
CA ASN D 211 5.46 -30.83 -3.33
C ASN D 211 4.68 -31.66 -4.36
N ASN D 212 4.35 -31.07 -5.52
CA ASN D 212 3.63 -31.74 -6.65
C ASN D 212 4.68 -32.23 -7.65
N GLN D 213 4.88 -33.55 -7.76
CA GLN D 213 5.96 -34.16 -8.59
C GLN D 213 5.90 -33.63 -10.04
N SER D 214 4.70 -33.47 -10.58
CA SER D 214 4.42 -32.96 -11.96
C SER D 214 5.07 -31.58 -12.13
N HIS D 215 4.94 -30.75 -11.09
CA HIS D 215 5.51 -29.37 -11.03
C HIS D 215 7.04 -29.42 -10.91
N ARG D 216 7.56 -30.30 -10.04
CA ARG D 216 9.03 -30.48 -9.86
C ARG D 216 9.68 -30.78 -11.22
N ASP D 217 9.08 -31.68 -12.02
CA ASP D 217 9.61 -32.12 -13.34
C ASP D 217 9.72 -30.91 -14.27
N ARG D 218 8.73 -30.01 -14.22
CA ARG D 218 8.72 -28.77 -15.03
C ARG D 218 9.88 -27.86 -14.59
N VAL D 219 10.04 -27.62 -13.28
CA VAL D 219 11.16 -26.80 -12.74
C VAL D 219 12.49 -27.43 -13.19
N ILE D 220 12.65 -28.75 -13.03
CA ILE D 220 13.88 -29.46 -13.46
C ILE D 220 14.06 -29.31 -14.98
N GLY D 221 12.99 -29.51 -15.76
CA GLY D 221 13.02 -29.24 -17.21
C GLY D 221 13.61 -27.87 -17.53
N LEU D 222 13.09 -26.83 -16.88
CA LEU D 222 13.58 -25.45 -17.11
C LEU D 222 15.06 -25.37 -16.68
N MET D 223 15.40 -25.89 -15.49
CA MET D 223 16.82 -25.93 -15.03
C MET D 223 17.72 -26.57 -16.13
N MET D 224 17.29 -27.66 -16.76
CA MET D 224 18.07 -28.32 -17.86
C MET D 224 18.23 -27.35 -19.03
N THR D 225 17.15 -26.70 -19.49
CA THR D 225 17.24 -25.70 -20.58
C THR D 225 18.26 -24.63 -20.19
N ALA D 226 18.12 -24.09 -18.97
CA ALA D 226 18.99 -23.04 -18.41
C ALA D 226 20.44 -23.48 -18.49
N CYS D 227 20.74 -24.67 -17.99
CA CYS D 227 22.10 -25.28 -17.98
C CYS D 227 22.58 -25.50 -19.41
N ASP D 228 21.66 -25.95 -20.28
CA ASP D 228 21.99 -26.29 -21.68
C ASP D 228 22.41 -25.02 -22.44
N LEU D 229 21.83 -23.86 -22.14
CA LEU D 229 22.09 -22.59 -22.88
C LEU D 229 23.13 -21.75 -22.13
N CYS D 230 23.82 -22.30 -21.13
CA CYS D 230 24.63 -21.49 -20.18
C CYS D 230 25.83 -20.81 -20.86
N SER D 231 26.10 -21.04 -22.14
CA SER D 231 27.18 -20.31 -22.87
C SER D 231 26.80 -18.83 -23.01
N VAL D 232 25.50 -18.50 -23.03
CA VAL D 232 24.99 -17.09 -23.10
C VAL D 232 25.03 -16.43 -21.71
N THR D 233 25.42 -17.15 -20.66
CA THR D 233 25.53 -16.61 -19.27
C THR D 233 27.02 -16.45 -18.90
N LYS D 234 27.93 -16.61 -19.85
CA LYS D 234 29.37 -16.48 -19.58
C LYS D 234 29.74 -15.01 -19.75
N LEU D 235 30.95 -14.64 -19.30
CA LEU D 235 31.58 -13.34 -19.64
C LEU D 235 31.69 -13.26 -21.18
N TRP D 236 31.51 -12.06 -21.74
CA TRP D 236 31.39 -11.80 -23.21
C TRP D 236 32.50 -12.48 -24.04
N PRO D 237 33.79 -12.43 -23.64
CA PRO D 237 34.82 -13.14 -24.41
C PRO D 237 34.59 -14.67 -24.56
N VAL D 238 34.12 -15.35 -23.52
CA VAL D 238 33.76 -16.81 -23.57
C VAL D 238 32.57 -16.97 -24.52
N THR D 239 31.53 -16.13 -24.36
CA THR D 239 30.22 -16.24 -25.04
C THR D 239 30.39 -16.03 -26.54
N LYS D 240 31.18 -15.03 -26.92
CA LYS D 240 31.49 -14.66 -28.32
C LYS D 240 32.19 -15.85 -28.99
N LEU D 241 33.23 -16.36 -28.34
CA LEU D 241 34.08 -17.48 -28.82
C LEU D 241 33.29 -18.80 -28.88
N THR D 242 32.33 -19.04 -27.99
CA THR D 242 31.52 -20.28 -28.00
C THR D 242 30.51 -20.16 -29.14
N ALA D 243 30.13 -18.93 -29.50
CA ALA D 243 29.16 -18.67 -30.59
C ALA D 243 29.75 -19.19 -31.91
N ASN D 244 31.07 -19.07 -32.11
CA ASN D 244 31.76 -19.53 -33.36
C ASN D 244 31.67 -21.07 -33.44
N ASP D 245 31.90 -21.76 -32.33
CA ASP D 245 31.76 -23.23 -32.21
C ASP D 245 30.31 -23.61 -32.59
N ILE D 246 29.33 -22.99 -31.96
CA ILE D 246 27.88 -23.28 -32.19
C ILE D 246 27.58 -23.09 -33.67
N TYR D 247 27.99 -21.95 -34.23
CA TYR D 247 27.67 -21.56 -35.63
C TYR D 247 28.42 -22.48 -36.59
N ALA D 248 29.63 -22.94 -36.20
CA ALA D 248 30.41 -23.91 -37.00
C ALA D 248 29.49 -25.08 -37.34
N GLU D 249 28.77 -25.62 -36.34
CA GLU D 249 27.78 -26.73 -36.50
C GLU D 249 26.59 -26.27 -37.35
N PHE D 250 26.01 -25.11 -37.06
CA PHE D 250 24.82 -24.58 -37.77
C PHE D 250 25.11 -24.52 -39.27
N TRP D 251 26.25 -23.96 -39.65
CA TRP D 251 26.67 -23.88 -41.08
C TRP D 251 26.86 -25.28 -41.69
N ALA D 252 27.49 -26.22 -40.97
CA ALA D 252 27.72 -27.62 -41.42
C ALA D 252 26.37 -28.26 -41.75
N GLU D 253 25.38 -28.07 -40.86
CA GLU D 253 23.99 -28.56 -41.04
C GLU D 253 23.33 -27.82 -42.22
N GLY D 254 23.55 -26.52 -42.34
CA GLY D 254 23.04 -25.73 -43.48
C GLY D 254 23.52 -26.31 -44.80
N ASP D 255 24.82 -26.58 -44.90
CA ASP D 255 25.49 -27.22 -46.07
C ASP D 255 24.81 -28.56 -46.41
N GLU D 256 24.56 -29.40 -45.40
CA GLU D 256 23.93 -30.73 -45.58
C GLU D 256 22.48 -30.55 -46.04
N MET D 257 21.79 -29.51 -45.57
CA MET D 257 20.41 -29.19 -46.06
C MET D 257 20.49 -28.85 -47.56
N LYS D 258 21.50 -28.08 -47.99
CA LYS D 258 21.70 -27.71 -49.42
C LYS D 258 21.98 -28.96 -50.24
N LYS D 259 22.76 -29.89 -49.70
CA LYS D 259 23.07 -31.21 -50.32
C LYS D 259 21.80 -32.07 -50.42
N LEU D 260 20.78 -31.83 -49.57
CA LEU D 260 19.46 -32.52 -49.62
C LEU D 260 18.51 -31.79 -50.60
N GLY D 261 18.93 -30.65 -51.17
CA GLY D 261 18.13 -29.86 -52.13
C GLY D 261 17.19 -28.87 -51.43
N ILE D 262 17.45 -28.57 -50.15
CA ILE D 262 16.60 -27.68 -49.30
C ILE D 262 17.41 -26.43 -48.92
N GLN D 263 16.87 -25.24 -49.18
CA GLN D 263 17.45 -23.95 -48.70
C GLN D 263 17.28 -23.90 -47.18
N PRO D 264 18.36 -23.92 -46.39
CA PRO D 264 18.23 -23.91 -44.93
C PRO D 264 17.77 -22.52 -44.46
N ILE D 265 17.33 -22.41 -43.20
CA ILE D 265 17.01 -21.09 -42.56
C ILE D 265 18.29 -20.25 -42.53
N PRO D 266 18.19 -18.90 -42.60
CA PRO D 266 19.38 -18.03 -42.69
C PRO D 266 20.47 -18.25 -41.62
N MET D 267 20.03 -18.42 -40.37
CA MET D 267 20.87 -18.77 -39.18
C MET D 267 21.92 -19.81 -39.57
N MET D 268 21.51 -20.85 -40.31
CA MET D 268 22.34 -22.02 -40.69
C MET D 268 23.04 -21.83 -42.05
N ASP D 269 22.84 -20.71 -42.76
CA ASP D 269 23.48 -20.46 -44.09
C ASP D 269 24.80 -19.69 -43.91
N ARG D 270 25.91 -20.22 -44.43
CA ARG D 270 27.25 -19.60 -44.23
C ARG D 270 27.49 -18.50 -45.30
N ASP D 271 26.64 -18.40 -46.32
CA ASP D 271 26.66 -17.26 -47.28
C ASP D 271 25.93 -16.06 -46.67
N LYS D 272 25.37 -16.22 -45.45
CA LYS D 272 24.62 -15.17 -44.71
C LYS D 272 25.25 -14.95 -43.33
N LYS D 273 26.57 -15.08 -43.20
CA LYS D 273 27.31 -14.89 -41.92
C LYS D 273 27.04 -13.51 -41.32
N ASP D 274 26.91 -12.48 -42.17
CA ASP D 274 26.67 -11.07 -41.78
C ASP D 274 25.42 -10.94 -40.88
N GLU D 275 24.39 -11.80 -41.05
CA GLU D 275 23.11 -11.76 -40.30
C GLU D 275 23.19 -12.45 -38.93
N VAL D 276 24.36 -12.95 -38.50
CA VAL D 276 24.54 -13.68 -37.20
C VAL D 276 24.16 -12.76 -36.03
N PRO D 277 24.73 -11.53 -35.93
CA PRO D 277 24.39 -10.63 -34.82
C PRO D 277 22.87 -10.40 -34.67
N GLN D 278 22.15 -10.25 -35.78
CA GLN D 278 20.67 -10.06 -35.79
C GLN D 278 19.98 -11.35 -35.29
N GLY D 279 20.47 -12.52 -35.70
CA GLY D 279 19.92 -13.84 -35.32
C GLY D 279 20.18 -14.18 -33.86
N GLN D 280 21.29 -13.70 -33.30
CA GLN D 280 21.61 -13.82 -31.85
C GLN D 280 20.64 -12.97 -31.03
N LEU D 281 20.47 -11.70 -31.42
CA LEU D 281 19.50 -10.75 -30.80
C LEU D 281 18.16 -11.46 -30.67
N GLY D 282 17.67 -12.06 -31.77
CA GLY D 282 16.38 -12.76 -31.87
C GLY D 282 16.30 -13.98 -30.97
N PHE D 283 17.42 -14.68 -30.78
CA PHE D 283 17.53 -15.88 -29.92
C PHE D 283 17.51 -15.44 -28.45
N TYR D 284 18.26 -14.40 -28.09
CA TYR D 284 18.26 -13.85 -26.71
C TYR D 284 16.85 -13.36 -26.30
N ASN D 285 16.12 -12.68 -27.21
CA ASN D 285 14.79 -12.08 -26.91
C ASN D 285 13.69 -13.17 -26.91
N ALA D 286 13.62 -14.03 -27.93
CA ALA D 286 12.62 -15.13 -28.04
C ALA D 286 12.91 -16.33 -27.11
N VAL D 287 14.18 -16.58 -26.69
CA VAL D 287 14.55 -17.87 -26.02
C VAL D 287 15.35 -17.64 -24.73
N ALA D 288 16.59 -17.17 -24.82
CA ALA D 288 17.52 -17.05 -23.68
C ALA D 288 16.86 -16.22 -22.56
N ILE D 289 16.51 -14.96 -22.82
CA ILE D 289 16.09 -14.01 -21.74
C ILE D 289 14.84 -14.56 -21.05
N PRO D 290 13.76 -14.95 -21.77
CA PRO D 290 12.60 -15.51 -21.10
C PRO D 290 12.99 -16.72 -20.22
N CYS D 291 13.91 -17.58 -20.69
CA CYS D 291 14.36 -18.80 -19.94
C CYS D 291 14.85 -18.41 -18.55
N TYR D 292 15.84 -17.51 -18.47
CA TYR D 292 16.53 -17.10 -17.22
C TYR D 292 15.62 -16.19 -16.37
N THR D 293 14.67 -15.49 -17.01
CA THR D 293 13.66 -14.63 -16.33
C THR D 293 12.75 -15.53 -15.47
N THR D 294 12.20 -16.60 -16.05
CA THR D 294 11.28 -17.54 -15.34
C THR D 294 12.06 -18.28 -14.23
N LEU D 295 13.32 -18.62 -14.48
CA LEU D 295 14.11 -19.44 -13.52
C LEU D 295 14.55 -18.57 -12.34
N THR D 296 14.90 -17.31 -12.59
CA THR D 296 15.27 -16.33 -11.55
C THR D 296 14.04 -16.10 -10.67
N GLN D 297 12.85 -16.02 -11.27
CA GLN D 297 11.54 -15.98 -10.56
C GLN D 297 11.46 -17.18 -9.59
N ILE D 298 11.53 -18.42 -10.06
CA ILE D 298 11.26 -19.65 -9.25
C ILE D 298 12.41 -19.94 -8.28
N LEU D 299 13.67 -19.65 -8.65
CA LEU D 299 14.90 -19.93 -7.87
C LEU D 299 15.76 -18.69 -7.86
N PRO D 300 15.37 -17.67 -7.08
CA PRO D 300 16.02 -16.35 -7.10
C PRO D 300 17.55 -16.31 -7.07
N PRO D 301 18.25 -17.26 -6.37
CA PRO D 301 19.72 -17.28 -6.37
C PRO D 301 20.37 -17.61 -7.75
N THR D 302 19.56 -17.99 -8.75
CA THR D 302 19.99 -18.16 -10.18
C THR D 302 20.08 -16.81 -10.92
N GLU D 303 19.78 -15.69 -10.25
CA GLU D 303 19.77 -14.33 -10.86
C GLU D 303 21.07 -14.07 -11.63
N PRO D 304 22.27 -14.41 -11.09
CA PRO D 304 23.51 -14.14 -11.84
C PRO D 304 23.52 -14.64 -13.30
N LEU D 305 22.78 -15.72 -13.61
CA LEU D 305 22.61 -16.17 -15.02
C LEU D 305 21.86 -15.10 -15.83
N LEU D 306 20.77 -14.54 -15.30
CA LEU D 306 19.92 -13.52 -15.99
C LEU D 306 20.75 -12.26 -16.28
N LYS D 307 21.40 -11.72 -15.24
CA LYS D 307 22.30 -10.53 -15.35
C LYS D 307 23.30 -10.76 -16.50
N ALA D 308 24.09 -11.85 -16.42
CA ALA D 308 25.12 -12.23 -17.43
C ALA D 308 24.48 -12.38 -18.82
N CYS D 309 23.30 -13.00 -18.93
CA CYS D 309 22.52 -13.04 -20.19
C CYS D 309 22.19 -11.62 -20.72
N ARG D 310 21.69 -10.71 -19.89
CA ARG D 310 21.32 -9.33 -20.32
C ARG D 310 22.55 -8.60 -20.87
N ASP D 311 23.67 -8.71 -20.16
CA ASP D 311 24.95 -8.05 -20.57
C ASP D 311 25.34 -8.52 -21.97
N ASN D 312 25.24 -9.82 -22.27
CA ASN D 312 25.68 -10.42 -23.56
C ASN D 312 24.70 -9.99 -24.65
N LEU D 313 23.42 -9.77 -24.32
CA LEU D 313 22.43 -9.15 -25.24
C LEU D 313 22.92 -7.74 -25.64
N SER D 314 23.36 -6.94 -24.67
CA SER D 314 23.79 -5.54 -24.88
C SER D 314 25.15 -5.51 -25.59
N GLN D 315 25.90 -6.60 -25.53
CA GLN D 315 27.15 -6.78 -26.35
C GLN D 315 26.77 -7.10 -27.80
N TRP D 316 25.78 -7.97 -28.04
CA TRP D 316 25.28 -8.29 -29.41
C TRP D 316 24.69 -7.04 -30.07
N GLU D 317 23.95 -6.21 -29.31
CA GLU D 317 23.44 -4.86 -29.70
C GLU D 317 24.60 -3.93 -30.11
N LYS D 318 25.70 -3.87 -29.35
CA LYS D 318 26.89 -3.04 -29.68
C LYS D 318 27.56 -3.53 -30.97
N VAL D 319 27.58 -4.85 -31.21
CA VAL D 319 28.23 -5.46 -32.41
C VAL D 319 27.46 -5.00 -33.65
N ILE D 320 26.12 -4.87 -33.56
CA ILE D 320 25.23 -4.48 -34.70
C ILE D 320 25.42 -2.99 -35.05
N ARG D 321 26.35 -2.27 -34.41
CA ARG D 321 26.83 -0.92 -34.82
C ARG D 321 28.38 -0.87 -34.77
N GLY D 322 28.98 -0.65 -33.58
CA GLY D 322 30.44 -0.52 -33.37
C GLY D 322 30.90 -1.28 -32.13
ZN ZN E . -22.67 23.38 13.34
MG MG F . -22.50 22.61 17.06
C1 KCF G . -28.77 18.92 9.09
C2 KCF G . -29.36 18.15 8.07
C3 KCF G . -30.01 17.00 8.34
C4 KCF G . -28.87 18.58 10.39
C5 KCF G . -29.59 17.41 10.71
N6 KCF G . -30.12 16.59 9.65
N7 KCF G . -30.70 15.46 10.09
C8 KCF G . -30.73 15.76 11.45
N9 KCF G . -29.91 16.83 11.88
N10 KCF G . -31.53 15.03 12.29
BR11 KCF G . -27.86 20.39 8.44
C12 KCF G . -31.78 13.70 11.75
C13 KCF G . -31.18 15.26 13.68
BR BR H . -28.34 17.38 4.72
ZN ZN I . -0.55 9.92 -13.70
MG MG J . -1.94 13.22 -14.76
C1 KCF K . -5.84 3.38 -15.57
C2 KCF K . -6.56 2.20 -15.34
C3 KCF K . -7.91 2.15 -15.62
C4 KCF K . -6.40 4.52 -16.10
C5 KCF K . -7.76 4.48 -16.44
N6 KCF K . -8.51 3.26 -16.19
N7 KCF K . -9.78 3.37 -16.62
C8 KCF K . -9.78 4.66 -17.13
N9 KCF K . -8.58 5.42 -16.96
N10 KCF K . -10.90 5.15 -17.79
BR11 KCF K . -4.08 3.30 -15.02
C12 KCF K . -12.08 4.34 -17.61
C13 KCF K . -10.81 6.49 -18.32
BR BR L . -6.52 -0.77 -13.08
ZN ZN M . -0.99 -6.13 20.17
MG MG N . 2.05 -7.36 18.13
C1 KCF O . -8.13 -10.51 18.62
C2 KCF O . -9.50 -10.68 18.31
C3 KCF O . -9.87 -11.52 17.29
C4 KCF O . -7.14 -11.16 17.94
C5 KCF O . -7.51 -12.06 16.93
N6 KCF O . -8.89 -12.22 16.62
N7 KCF O . -9.07 -13.15 15.65
C8 KCF O . -7.74 -13.52 15.40
N9 KCF O . -6.74 -12.88 16.17
N10 KCF O . -7.43 -14.52 14.49
BR11 KCF O . -7.70 -9.35 19.97
C12 KCF O . -8.55 -15.05 13.77
C13 KCF O . -6.05 -14.64 14.11
ZN ZN P . 23.29 -29.64 -24.94
MG MG Q . 21.01 -31.79 -27.07
C1 KCF R . 23.48 -21.44 -27.22
C2 KCF R . 24.03 -20.21 -27.64
C3 KCF R . 23.58 -19.55 -28.74
C4 KCF R . 22.47 -22.04 -27.93
C5 KCF R . 21.99 -21.39 -29.11
N6 KCF R . 22.56 -20.10 -29.47
N7 KCF R . 22.00 -19.60 -30.59
C8 KCF R . 21.06 -20.58 -30.92
N9 KCF R . 21.07 -21.74 -30.05
N10 KCF R . 20.21 -20.38 -32.02
BR11 KCF R . 24.25 -22.14 -25.68
C12 KCF R . 20.44 -19.16 -32.76
C13 KCF R . 18.98 -21.14 -32.07
#